data_6AUN
#
_entry.id   6AUN
#
_cell.length_a   266.061
_cell.length_b   266.061
_cell.length_c   79.375
_cell.angle_alpha   90.00
_cell.angle_beta   90.00
_cell.angle_gamma   120.00
#
_symmetry.space_group_name_H-M   'P 62'
#
_entity_poly.entity_id   1
_entity_poly.type   'polypeptide(L)'
_entity_poly.pdbx_seq_one_letter_code
;MQFFGRLVNTLSSVTNLFSNPFRVKEISVADYTSHERVREEGQLILFQNASNRTWDCILVSPRNPHSGFRLFQLESEADA
LVNFQQFSSQLPPFYESSVQVLHVEVLQHLSDLIRSHPSWTVTHLAVELGIRECFHHSRIISCANSTENEEGCTPLHLAC
RKGDSEILVELVQYCHAQMDVTDNKGETAFHYAVQGDNSQVLQLLGKNASAGLNQVNKQGLTPLHLACQMGKQEMVRVLL
LCNARCNVMGPSGFPIHTAMKFSQKGCAEMIISMDSSQIHSKDPRYGASPLHWAKNAEMARMLLKRGCDVDSTSAAGNTA
LHVAVMRNRFDCVMVLLTYGANAGTPGEHGNTPLHLAISKDNMEMIKALIVFGAEVDTPNDFGETPAFMASKISKQLQDL
MPISRARKPAFILSSMRDEKRIHDHLLCLDGGGVKGLVIIQLLIAIEKASGVATKDLFDWVAGTSTGGILALAILHSKSM
AYMRGVYFRMKDEVFRGSRPYESGPLEEFLKREFGEHTKMTDVKKPKVMLTGTLSDRQPAELHLFRNYDAPEVIREPRFN
QNINLKPPTQPADQLVWRAARSSGAAPTYFRPNGRFLDGGLLANNPTLDAMTEIHEYNQDMIRKGQGNKVKKLSIVVSLG
TGRSPQVPVTCVDVFRPSNPWELAKTVFGAKELGKMVVDCCTDPDGRAVDRARAWSEMVGIQYFRLNPQLGSDIMLDEVN
DAVLVNALWETEVYIYEHREEFQKLVQMLLSP
;
_entity_poly.pdbx_strand_id   A,B
#
# COMPACT_ATOMS: atom_id res chain seq x y z
N LEU A 81 -34.58 -5.83 82.18
CA LEU A 81 -34.16 -6.84 81.22
C LEU A 81 -34.75 -8.20 81.57
N VAL A 82 -35.03 -8.41 82.85
CA VAL A 82 -35.53 -9.71 83.30
C VAL A 82 -36.94 -9.98 82.78
N ASN A 83 -37.79 -8.94 82.75
CA ASN A 83 -39.18 -9.14 82.33
C ASN A 83 -39.28 -9.41 80.84
N PHE A 84 -38.46 -8.75 80.02
CA PHE A 84 -38.49 -8.97 78.57
C PHE A 84 -38.18 -10.43 78.25
N GLN A 85 -37.12 -10.97 78.84
CA GLN A 85 -36.77 -12.36 78.59
C GLN A 85 -37.75 -13.32 79.27
N GLN A 86 -38.38 -12.88 80.36
CA GLN A 86 -39.43 -13.69 80.97
C GLN A 86 -40.59 -13.85 79.99
N PHE A 87 -40.99 -12.77 79.32
CA PHE A 87 -42.02 -12.87 78.30
C PHE A 87 -41.52 -13.66 77.09
N SER A 88 -40.22 -13.61 76.80
CA SER A 88 -39.67 -14.39 75.69
C SER A 88 -39.77 -15.89 75.94
N SER A 89 -39.45 -16.33 77.16
CA SER A 89 -39.59 -17.75 77.49
C SER A 89 -41.06 -18.15 77.60
N GLN A 90 -41.88 -17.33 78.25
CA GLN A 90 -43.31 -17.60 78.34
C GLN A 90 -43.97 -17.59 76.96
N LEU A 91 -43.29 -17.02 75.95
CA LEU A 91 -43.69 -17.21 74.58
C LEU A 91 -43.13 -18.51 74.01
N PRO A 92 -41.88 -18.84 74.33
CA PRO A 92 -41.28 -20.08 73.85
C PRO A 92 -42.06 -21.31 74.29
N PRO A 93 -42.92 -21.16 75.30
CA PRO A 93 -43.88 -22.21 75.63
C PRO A 93 -45.28 -21.92 75.11
N PHE A 94 -45.47 -20.82 74.37
CA PHE A 94 -46.80 -20.45 73.88
C PHE A 94 -47.11 -21.06 72.51
N VAL A 104 -31.97 -20.81 68.36
CA VAL A 104 -32.42 -20.70 69.74
C VAL A 104 -31.54 -19.72 70.52
N GLU A 105 -30.51 -19.20 69.85
CA GLU A 105 -29.59 -18.26 70.47
C GLU A 105 -29.69 -16.85 69.90
N VAL A 106 -30.43 -16.65 68.81
CA VAL A 106 -30.65 -15.33 68.25
C VAL A 106 -31.88 -14.62 68.78
N LEU A 107 -32.52 -15.14 69.84
CA LEU A 107 -33.78 -14.54 70.24
C LEU A 107 -33.59 -13.30 71.10
N GLN A 108 -32.50 -13.22 71.87
CA GLN A 108 -32.21 -12.00 72.61
C GLN A 108 -31.97 -10.83 71.68
N HIS A 109 -31.07 -10.98 70.72
CA HIS A 109 -30.89 -9.96 69.69
C HIS A 109 -32.08 -9.85 68.76
N LEU A 110 -33.07 -10.74 68.87
CA LEU A 110 -34.32 -10.54 68.16
C LEU A 110 -35.21 -9.53 68.89
N SER A 111 -35.18 -9.54 70.22
CA SER A 111 -35.96 -8.58 71.00
C SER A 111 -35.60 -7.15 70.64
N ASP A 112 -34.33 -6.80 70.81
CA ASP A 112 -33.85 -5.47 70.41
C ASP A 112 -33.25 -5.54 69.01
N PRO A 118 -40.09 -1.21 69.61
CA PRO A 118 -39.50 -2.53 69.34
C PRO A 118 -40.19 -3.64 70.13
N SER A 119 -41.33 -4.12 69.61
CA SER A 119 -42.18 -5.08 70.32
C SER A 119 -42.79 -6.04 69.31
N TRP A 120 -42.19 -7.21 69.16
CA TRP A 120 -42.81 -8.31 68.43
C TRP A 120 -43.76 -9.04 69.37
N THR A 121 -44.47 -10.04 68.85
CA THR A 121 -45.37 -10.84 69.69
C THR A 121 -45.14 -12.32 69.41
N VAL A 122 -45.97 -13.16 70.03
CA VAL A 122 -45.88 -14.60 69.78
C VAL A 122 -46.24 -14.91 68.33
N THR A 123 -47.48 -14.61 67.94
CA THR A 123 -47.94 -14.82 66.58
C THR A 123 -47.25 -13.89 65.59
N HIS A 124 -46.64 -12.80 66.08
CA HIS A 124 -45.92 -11.87 65.24
C HIS A 124 -44.52 -12.38 64.92
N LEU A 125 -43.71 -12.60 65.97
CA LEU A 125 -42.34 -13.09 65.83
C LEU A 125 -42.26 -14.58 65.51
N ALA A 126 -43.40 -15.28 65.42
CA ALA A 126 -43.37 -16.69 65.05
C ALA A 126 -42.89 -16.94 63.62
N VAL A 127 -42.54 -15.89 62.87
CA VAL A 127 -41.97 -16.04 61.53
C VAL A 127 -40.47 -15.78 61.52
N GLU A 128 -39.99 -14.79 62.28
CA GLU A 128 -38.56 -14.52 62.39
C GLU A 128 -37.87 -15.52 63.31
N SER A 146 -52.72 -13.22 64.68
CA SER A 146 -52.97 -12.19 63.67
C SER A 146 -52.92 -10.81 64.29
N THR A 147 -51.88 -10.58 65.08
CA THR A 147 -51.77 -9.39 65.90
C THR A 147 -51.32 -8.19 65.05
N GLU A 148 -50.91 -7.13 65.72
CA GLU A 148 -50.50 -5.89 65.05
C GLU A 148 -49.11 -5.56 65.57
N ASN A 149 -48.65 -4.34 65.31
CA ASN A 149 -47.33 -3.92 65.76
C ASN A 149 -47.37 -2.47 66.20
N GLU A 150 -46.33 -2.05 66.93
CA GLU A 150 -46.15 -0.67 67.36
C GLU A 150 -45.16 0.09 66.49
N GLU A 151 -44.56 -0.57 65.48
CA GLU A 151 -43.74 0.08 64.46
C GLU A 151 -44.44 0.18 63.12
N GLY A 152 -45.63 -0.42 62.99
CA GLY A 152 -46.45 -0.31 61.80
C GLY A 152 -46.55 -1.58 60.98
N CYS A 153 -46.59 -2.73 61.66
CA CYS A 153 -46.44 -4.01 60.96
C CYS A 153 -47.59 -4.98 61.25
N THR A 154 -47.43 -6.23 60.80
CA THR A 154 -48.45 -7.27 60.87
C THR A 154 -47.78 -8.62 60.67
N PRO A 155 -48.23 -9.70 61.36
CA PRO A 155 -47.52 -10.98 61.25
C PRO A 155 -47.57 -11.63 59.86
N LEU A 156 -48.76 -11.67 59.26
CA LEU A 156 -48.89 -12.25 57.91
C LEU A 156 -48.02 -11.50 56.90
N HIS A 157 -47.87 -10.18 57.08
CA HIS A 157 -47.00 -9.42 56.20
C HIS A 157 -45.56 -9.90 56.31
N LEU A 158 -45.13 -10.25 57.53
CA LEU A 158 -43.78 -10.76 57.72
C LEU A 158 -43.65 -12.18 57.17
N ALA A 159 -44.71 -12.98 57.26
CA ALA A 159 -44.66 -14.32 56.68
C ALA A 159 -44.69 -14.27 55.16
N CYS A 160 -45.11 -13.15 54.58
CA CYS A 160 -44.93 -12.95 53.14
C CYS A 160 -43.53 -12.42 52.83
N ARG A 161 -43.01 -11.53 53.68
CA ARG A 161 -41.73 -10.89 53.42
C ARG A 161 -40.58 -11.89 53.49
N LYS A 162 -40.47 -12.63 54.60
CA LYS A 162 -39.37 -13.55 54.88
C LYS A 162 -39.37 -14.76 53.96
N GLY A 163 -40.22 -14.81 52.95
CA GLY A 163 -40.16 -15.91 52.00
C GLY A 163 -40.49 -17.25 52.59
N ASP A 164 -41.17 -17.28 53.73
CA ASP A 164 -41.54 -18.53 54.38
C ASP A 164 -42.91 -18.93 53.84
N SER A 165 -42.90 -19.89 52.91
CA SER A 165 -44.10 -20.30 52.21
C SER A 165 -44.92 -21.31 53.00
N GLU A 166 -44.24 -22.23 53.68
CA GLU A 166 -44.93 -23.22 54.49
C GLU A 166 -45.55 -22.57 55.73
N ILE A 167 -44.86 -21.59 56.32
CA ILE A 167 -45.47 -20.81 57.39
C ILE A 167 -46.69 -20.07 56.85
N LEU A 168 -46.66 -19.70 55.56
CA LEU A 168 -47.82 -19.03 54.97
C LEU A 168 -49.00 -19.99 54.84
N VAL A 169 -48.74 -21.23 54.41
CA VAL A 169 -49.79 -22.24 54.42
C VAL A 169 -50.32 -22.46 55.84
N GLU A 170 -49.46 -22.35 56.84
CA GLU A 170 -49.85 -22.58 58.23
C GLU A 170 -50.34 -21.32 58.95
N LEU A 171 -50.44 -20.18 58.27
CA LEU A 171 -50.99 -18.98 58.91
C LEU A 171 -52.43 -18.69 58.54
N VAL A 172 -52.91 -19.11 57.37
CA VAL A 172 -54.28 -18.85 56.94
C VAL A 172 -55.13 -20.12 56.97
N GLN A 173 -54.56 -21.25 56.56
CA GLN A 173 -55.31 -22.50 56.55
C GLN A 173 -55.41 -23.09 57.95
N TYR A 174 -54.33 -23.01 58.73
CA TYR A 174 -54.33 -23.50 60.11
C TYR A 174 -54.77 -22.41 61.07
N CYS A 175 -54.03 -21.31 61.10
CA CYS A 175 -54.27 -20.21 62.02
C CYS A 175 -55.37 -19.28 61.51
N HIS A 176 -55.88 -18.46 62.43
CA HIS A 176 -56.81 -17.39 62.08
C HIS A 176 -56.02 -16.18 61.61
N ALA A 177 -55.85 -16.05 60.29
CA ALA A 177 -55.20 -14.87 59.73
C ALA A 177 -55.88 -14.50 58.42
N GLN A 178 -56.66 -13.42 58.43
CA GLN A 178 -57.22 -12.91 57.19
C GLN A 178 -56.09 -12.47 56.27
N MET A 179 -56.32 -12.61 54.97
CA MET A 179 -55.24 -12.37 54.01
C MET A 179 -55.07 -10.88 53.73
N ASP A 180 -56.18 -10.19 53.45
CA ASP A 180 -56.18 -8.78 53.05
C ASP A 180 -56.03 -7.86 54.27
N VAL A 181 -54.82 -7.87 54.86
CA VAL A 181 -54.48 -6.99 55.97
C VAL A 181 -53.64 -5.85 55.44
N THR A 182 -53.98 -4.62 55.82
CA THR A 182 -53.26 -3.42 55.43
C THR A 182 -52.46 -2.89 56.61
N ASP A 183 -51.15 -2.77 56.43
CA ASP A 183 -50.28 -2.32 57.51
C ASP A 183 -50.52 -0.84 57.83
N ASN A 184 -49.76 -0.33 58.80
CA ASN A 184 -50.01 0.99 59.34
C ASN A 184 -49.50 2.13 58.47
N LYS A 185 -48.77 1.82 57.39
CA LYS A 185 -48.24 2.86 56.51
C LYS A 185 -48.87 2.81 55.13
N GLY A 186 -49.92 2.00 54.94
CA GLY A 186 -50.66 1.94 53.69
C GLY A 186 -50.51 0.62 52.97
N GLU A 187 -49.35 -0.03 53.11
CA GLU A 187 -48.97 -1.13 52.25
C GLU A 187 -49.86 -2.34 52.49
N THR A 188 -49.94 -3.21 51.49
CA THR A 188 -50.77 -4.40 51.53
C THR A 188 -49.90 -5.64 51.70
N ALA A 189 -50.57 -6.79 51.78
CA ALA A 189 -49.84 -8.05 51.98
C ALA A 189 -49.10 -8.47 50.73
N PHE A 190 -49.64 -8.14 49.55
CA PHE A 190 -48.92 -8.42 48.32
C PHE A 190 -47.57 -7.69 48.29
N HIS A 191 -47.59 -6.35 48.32
CA HIS A 191 -46.33 -5.63 48.17
C HIS A 191 -45.58 -5.42 49.48
N TYR A 192 -45.82 -6.28 50.47
CA TYR A 192 -44.82 -6.55 51.50
C TYR A 192 -43.91 -7.69 51.10
N ALA A 193 -44.26 -8.46 50.08
CA ALA A 193 -43.42 -9.55 49.59
C ALA A 193 -42.48 -9.13 48.46
N VAL A 194 -42.89 -8.17 47.63
CA VAL A 194 -41.99 -7.70 46.56
C VAL A 194 -40.82 -6.90 47.12
N GLN A 195 -40.86 -6.54 48.41
CA GLN A 195 -39.66 -6.04 49.06
C GLN A 195 -38.66 -7.16 49.31
N GLY A 196 -39.15 -8.39 49.45
CA GLY A 196 -38.32 -9.58 49.43
C GLY A 196 -38.25 -10.18 48.05
N ASP A 197 -37.84 -11.45 48.00
CA ASP A 197 -37.58 -12.13 46.73
C ASP A 197 -38.18 -13.53 46.72
N ASN A 198 -39.43 -13.66 47.15
CA ASN A 198 -40.09 -14.97 47.15
C ASN A 198 -40.69 -15.32 45.80
N SER A 199 -41.67 -14.53 45.35
CA SER A 199 -42.32 -14.62 44.04
C SER A 199 -43.29 -15.79 43.88
N GLN A 200 -43.34 -16.71 44.85
CA GLN A 200 -44.34 -17.78 44.84
C GLN A 200 -45.43 -17.57 45.88
N VAL A 201 -45.08 -17.00 47.03
CA VAL A 201 -46.06 -16.50 47.98
C VAL A 201 -47.07 -15.61 47.29
N LEU A 202 -46.63 -14.87 46.26
CA LEU A 202 -47.54 -14.04 45.49
C LEU A 202 -48.62 -14.89 44.82
N GLN A 203 -48.25 -16.05 44.29
CA GLN A 203 -49.23 -16.92 43.66
C GLN A 203 -50.12 -17.59 44.71
N LEU A 204 -49.53 -17.96 45.85
CA LEU A 204 -50.35 -18.53 46.92
C LEU A 204 -51.32 -17.50 47.48
N LEU A 205 -50.98 -16.22 47.34
CA LEU A 205 -51.90 -15.13 47.66
C LEU A 205 -52.79 -14.78 46.48
N GLY A 206 -52.37 -15.08 45.26
CA GLY A 206 -53.25 -14.96 44.12
C GLY A 206 -54.26 -16.09 44.16
N LYS A 207 -55.10 -16.06 45.19
CA LYS A 207 -56.08 -17.10 45.47
C LYS A 207 -57.43 -16.49 45.78
N ASN A 208 -58.35 -17.30 46.29
CA ASN A 208 -59.69 -16.83 46.62
C ASN A 208 -59.62 -15.80 47.75
N ALA A 209 -60.61 -14.92 47.79
CA ALA A 209 -60.70 -13.88 48.82
C ALA A 209 -59.42 -13.05 48.86
N SER A 210 -58.88 -12.74 47.68
CA SER A 210 -57.63 -11.98 47.57
C SER A 210 -57.72 -11.06 46.36
N ALA A 211 -58.14 -9.82 46.62
CA ALA A 211 -58.17 -8.76 45.62
C ALA A 211 -57.18 -7.71 46.13
N GLY A 212 -55.90 -7.92 45.82
CA GLY A 212 -54.88 -7.00 46.24
C GLY A 212 -53.95 -6.56 45.12
N LEU A 213 -54.22 -7.03 43.91
CA LEU A 213 -53.40 -6.66 42.77
C LEU A 213 -53.48 -5.16 42.53
N ASN A 214 -54.69 -4.62 42.54
CA ASN A 214 -54.95 -3.19 42.51
C ASN A 214 -55.09 -2.60 43.91
N GLN A 215 -54.75 -3.35 44.96
CA GLN A 215 -54.69 -2.78 46.31
C GLN A 215 -53.40 -1.97 46.37
N VAL A 216 -53.54 -0.66 46.43
CA VAL A 216 -52.44 0.25 46.16
C VAL A 216 -52.50 1.49 47.04
N ASN A 217 -51.67 1.55 48.08
CA ASN A 217 -51.44 2.83 48.75
C ASN A 217 -50.14 2.86 49.55
N LYS A 218 -49.04 3.25 48.93
CA LYS A 218 -47.97 3.87 49.72
C LYS A 218 -48.28 5.37 49.67
N GLN A 219 -48.19 5.94 48.48
CA GLN A 219 -48.81 7.18 48.04
C GLN A 219 -49.49 6.90 46.70
N GLY A 220 -49.96 5.67 46.56
CA GLY A 220 -50.35 5.11 45.29
C GLY A 220 -49.16 4.37 44.71
N LEU A 221 -49.00 3.10 45.09
CA LEU A 221 -47.95 2.24 44.56
C LEU A 221 -48.51 0.83 44.45
N THR A 222 -48.99 0.46 43.26
CA THR A 222 -49.46 -0.88 43.00
C THR A 222 -48.32 -1.87 43.31
N PRO A 223 -48.65 -3.14 43.58
CA PRO A 223 -47.57 -4.14 43.61
C PRO A 223 -46.64 -4.02 42.41
N LEU A 224 -47.21 -3.79 41.23
CA LEU A 224 -46.45 -3.48 40.03
C LEU A 224 -45.45 -2.35 40.23
N HIS A 225 -45.92 -1.21 40.72
CA HIS A 225 -45.05 -0.03 40.82
C HIS A 225 -43.92 -0.24 41.82
N LEU A 226 -44.17 -0.94 42.93
CA LEU A 226 -43.10 -1.20 43.87
C LEU A 226 -42.05 -2.14 43.26
N ALA A 227 -42.51 -3.22 42.64
CA ALA A 227 -41.57 -4.14 41.99
C ALA A 227 -40.84 -3.48 40.82
N CYS A 228 -41.45 -2.47 40.19
CA CYS A 228 -40.79 -1.75 39.10
C CYS A 228 -39.77 -0.74 39.63
N GLN A 229 -40.08 -0.07 40.73
CA GLN A 229 -39.18 0.92 41.28
C GLN A 229 -37.94 0.28 41.87
N MET A 230 -38.11 -0.84 42.57
CA MET A 230 -36.94 -1.46 43.21
C MET A 230 -36.06 -2.15 42.18
N GLY A 231 -36.65 -2.90 41.26
CA GLY A 231 -35.87 -3.62 40.27
C GLY A 231 -36.12 -5.10 40.32
N LYS A 232 -37.13 -5.50 41.08
CA LYS A 232 -37.49 -6.91 41.25
C LYS A 232 -38.23 -7.32 39.99
N GLN A 233 -37.47 -7.70 38.96
CA GLN A 233 -38.06 -7.97 37.66
C GLN A 233 -38.89 -9.24 37.67
N GLU A 234 -38.36 -10.30 38.28
CA GLU A 234 -39.12 -11.54 38.41
C GLU A 234 -40.45 -11.31 39.10
N MET A 235 -40.49 -10.38 40.07
CA MET A 235 -41.76 -10.03 40.71
C MET A 235 -42.73 -9.39 39.73
N VAL A 236 -42.24 -8.46 38.91
CA VAL A 236 -43.08 -7.86 37.88
C VAL A 236 -43.65 -8.94 36.98
N ARG A 237 -42.82 -9.92 36.62
CA ARG A 237 -43.27 -11.01 35.76
C ARG A 237 -44.35 -11.84 36.44
N VAL A 238 -44.12 -12.22 37.70
CA VAL A 238 -45.08 -13.04 38.44
C VAL A 238 -46.42 -12.32 38.52
N LEU A 239 -46.41 -11.01 38.78
CA LEU A 239 -47.66 -10.27 38.86
C LEU A 239 -48.33 -10.15 37.50
N LEU A 240 -47.55 -9.96 36.43
CA LEU A 240 -48.14 -9.78 35.11
C LEU A 240 -48.76 -11.08 34.59
N LEU A 241 -48.13 -12.22 34.91
CA LEU A 241 -48.72 -13.51 34.60
C LEU A 241 -50.02 -13.74 35.37
N CYS A 242 -50.25 -12.99 36.46
CA CYS A 242 -51.43 -13.11 37.31
C CYS A 242 -52.42 -11.96 37.13
N ASN A 243 -52.48 -11.37 35.93
CA ASN A 243 -53.48 -10.34 35.59
C ASN A 243 -53.37 -9.15 36.56
N ALA A 244 -52.23 -8.49 36.53
CA ALA A 244 -51.96 -7.45 37.52
C ALA A 244 -52.58 -6.09 37.18
N ARG A 245 -53.25 -5.96 36.04
CA ARG A 245 -54.09 -4.80 35.74
C ARG A 245 -53.29 -3.49 35.80
N CYS A 246 -52.41 -3.33 34.81
CA CYS A 246 -51.50 -2.20 34.64
C CYS A 246 -52.18 -0.86 34.36
N ASN A 247 -53.49 -0.76 34.30
CA ASN A 247 -54.14 0.54 34.10
C ASN A 247 -54.45 1.23 35.42
N VAL A 248 -53.45 1.32 36.30
CA VAL A 248 -53.59 1.90 37.63
C VAL A 248 -52.61 3.05 37.73
N MET A 249 -53.09 4.29 37.66
CA MET A 249 -52.19 5.43 37.75
C MET A 249 -51.47 5.44 39.09
N GLY A 250 -50.15 5.58 39.03
CA GLY A 250 -49.32 5.64 40.20
C GLY A 250 -48.82 7.04 40.40
N PRO A 251 -47.68 7.19 41.07
CA PRO A 251 -47.17 8.54 41.35
C PRO A 251 -46.74 9.24 40.07
N SER A 252 -45.85 8.59 39.32
CA SER A 252 -45.39 9.04 38.01
C SER A 252 -46.06 8.21 36.93
N GLY A 253 -47.31 8.52 36.62
CA GLY A 253 -47.96 7.78 35.55
C GLY A 253 -48.20 6.30 35.81
N PHE A 254 -48.31 5.57 34.70
CA PHE A 254 -48.61 4.13 34.67
C PHE A 254 -47.43 3.30 35.19
N PRO A 255 -47.61 1.99 35.42
CA PRO A 255 -46.54 1.23 36.08
C PRO A 255 -45.26 1.16 35.26
N ILE A 256 -45.37 1.15 33.93
CA ILE A 256 -44.17 1.15 33.11
C ILE A 256 -43.44 2.48 33.26
N HIS A 257 -44.18 3.59 33.32
CA HIS A 257 -43.51 4.87 33.56
C HIS A 257 -42.90 4.94 34.95
N THR A 258 -43.46 4.22 35.92
CA THR A 258 -42.81 4.17 37.23
C THR A 258 -41.55 3.32 37.15
N ALA A 259 -41.58 2.27 36.32
CA ALA A 259 -40.38 1.48 36.06
C ALA A 259 -39.29 2.32 35.42
N MET A 260 -39.68 3.28 34.57
CA MET A 260 -38.73 4.05 33.80
C MET A 260 -38.31 5.38 34.43
N LYS A 261 -39.11 5.95 35.33
CA LYS A 261 -38.65 7.10 36.09
C LYS A 261 -37.43 6.75 36.91
N PHE A 262 -37.30 5.47 37.25
CA PHE A 262 -36.18 4.95 38.00
C PHE A 262 -35.26 4.13 37.12
N SER A 263 -35.62 3.96 35.84
CA SER A 263 -34.75 3.37 34.83
C SER A 263 -34.34 1.95 35.20
N GLN A 264 -35.33 1.11 35.47
CA GLN A 264 -35.11 -0.32 35.70
C GLN A 264 -35.31 -1.06 34.38
N LYS A 265 -34.19 -1.52 33.78
CA LYS A 265 -34.28 -2.14 32.46
C LYS A 265 -35.03 -3.47 32.53
N GLY A 266 -34.63 -4.36 33.45
CA GLY A 266 -35.26 -5.67 33.52
C GLY A 266 -36.77 -5.57 33.65
N CYS A 267 -37.24 -4.69 34.53
CA CYS A 267 -38.67 -4.55 34.76
C CYS A 267 -39.40 -4.05 33.51
N ALA A 268 -38.91 -2.96 32.91
CA ALA A 268 -39.56 -2.43 31.72
C ALA A 268 -39.57 -3.46 30.59
N GLU A 269 -38.45 -4.16 30.41
CA GLU A 269 -38.38 -5.18 29.37
C GLU A 269 -39.37 -6.31 29.64
N MET A 270 -39.55 -6.70 30.90
CA MET A 270 -40.52 -7.74 31.20
C MET A 270 -41.94 -7.27 30.93
N ILE A 271 -42.24 -6.01 31.27
CA ILE A 271 -43.56 -5.45 30.99
C ILE A 271 -43.84 -5.51 29.50
N ILE A 272 -42.87 -5.06 28.70
CA ILE A 272 -43.06 -5.02 27.25
C ILE A 272 -43.09 -6.44 26.67
N SER A 273 -42.42 -7.40 27.32
CA SER A 273 -42.51 -8.79 26.88
C SER A 273 -43.93 -9.32 27.06
N MET A 274 -44.52 -9.11 28.24
CA MET A 274 -45.89 -9.54 28.44
C MET A 274 -46.84 -8.76 27.53
N ASP A 275 -46.69 -7.44 27.50
CA ASP A 275 -47.54 -6.55 26.71
C ASP A 275 -46.68 -5.75 25.74
N SER A 276 -46.80 -6.04 24.45
CA SER A 276 -46.31 -5.07 23.49
C SER A 276 -47.09 -3.78 23.63
N SER A 277 -48.36 -3.88 24.06
CA SER A 277 -49.22 -2.73 24.22
C SER A 277 -48.64 -1.67 25.15
N GLN A 278 -47.69 -2.03 26.02
CA GLN A 278 -47.15 -1.03 26.92
C GLN A 278 -46.17 -0.06 26.27
N ILE A 279 -45.69 -0.33 25.05
CA ILE A 279 -44.98 0.73 24.35
C ILE A 279 -45.96 1.72 23.73
N HIS A 280 -47.26 1.49 23.87
CA HIS A 280 -48.31 2.40 23.42
C HIS A 280 -48.68 3.42 24.49
N SER A 281 -48.75 3.00 25.75
CA SER A 281 -49.45 3.74 26.78
C SER A 281 -48.82 5.11 27.00
N LYS A 282 -49.68 6.08 27.29
CA LYS A 282 -49.26 7.47 27.51
C LYS A 282 -49.37 7.84 28.99
N ASP A 283 -48.39 8.62 29.43
CA ASP A 283 -48.34 9.17 30.77
C ASP A 283 -49.61 9.99 31.03
N PRO A 284 -50.46 9.60 31.98
CA PRO A 284 -51.75 10.31 32.15
C PRO A 284 -51.61 11.80 32.37
N ARG A 285 -50.59 12.21 33.11
CA ARG A 285 -50.39 13.63 33.41
C ARG A 285 -50.14 14.43 32.14
N TYR A 286 -49.18 14.00 31.32
CA TYR A 286 -48.87 14.70 30.08
C TYR A 286 -49.10 13.91 28.81
N GLY A 287 -48.99 12.59 28.84
CA GLY A 287 -49.28 11.79 27.67
C GLY A 287 -48.00 11.54 26.93
N ALA A 288 -47.43 10.35 27.12
CA ALA A 288 -46.05 10.15 26.72
C ALA A 288 -45.87 8.70 26.28
N SER A 289 -45.05 8.50 25.28
CA SER A 289 -44.60 7.14 25.08
C SER A 289 -43.73 6.83 26.28
N PRO A 290 -43.47 5.56 26.58
CA PRO A 290 -42.46 5.26 27.59
C PRO A 290 -41.18 6.07 27.40
N LEU A 291 -40.88 6.51 26.18
CA LEU A 291 -39.73 7.39 25.97
C LEU A 291 -39.82 8.67 26.78
N HIS A 292 -40.88 9.46 26.57
CA HIS A 292 -40.83 10.87 26.95
C HIS A 292 -40.45 11.15 28.40
N TRP A 293 -41.29 10.76 29.35
CA TRP A 293 -40.97 11.08 30.74
C TRP A 293 -40.20 9.94 31.39
N ALA A 294 -39.18 9.50 30.65
CA ALA A 294 -38.31 8.42 31.09
C ALA A 294 -37.00 8.50 30.31
N LYS A 295 -35.92 8.89 30.97
CA LYS A 295 -34.71 9.25 30.24
C LYS A 295 -33.52 8.47 30.81
N ASN A 296 -32.88 7.68 29.96
CA ASN A 296 -31.56 7.13 30.21
C ASN A 296 -31.01 6.70 28.85
N ALA A 297 -29.73 7.03 28.61
CA ALA A 297 -29.13 6.76 27.31
C ALA A 297 -29.44 5.35 26.79
N GLU A 298 -29.15 4.33 27.62
CA GLU A 298 -29.33 2.95 27.18
C GLU A 298 -30.80 2.56 27.08
N MET A 299 -31.65 3.10 27.95
CA MET A 299 -33.05 2.70 27.93
C MET A 299 -33.77 3.21 26.70
N ALA A 300 -33.41 4.41 26.22
CA ALA A 300 -33.92 4.88 24.94
C ALA A 300 -33.74 3.82 23.88
N ARG A 301 -32.59 3.14 23.87
CA ARG A 301 -32.33 2.10 22.90
C ARG A 301 -33.11 0.82 23.20
N MET A 302 -33.03 0.33 24.45
CA MET A 302 -33.71 -0.93 24.78
C MET A 302 -35.22 -0.80 24.72
N LEU A 303 -35.74 0.41 24.55
CA LEU A 303 -37.14 0.64 24.25
C LEU A 303 -37.38 0.93 22.76
N LEU A 304 -36.43 1.56 22.08
CA LEU A 304 -36.60 1.96 20.70
C LEU A 304 -36.43 0.77 19.76
N LYS A 305 -35.45 -0.09 20.07
CA LYS A 305 -35.22 -1.33 19.35
C LYS A 305 -36.44 -2.24 19.39
N ARG A 306 -37.35 -2.02 20.34
CA ARG A 306 -38.53 -2.83 20.53
C ARG A 306 -39.67 -2.50 19.56
N GLY A 307 -39.49 -1.52 18.68
CA GLY A 307 -40.58 -1.03 17.88
C GLY A 307 -41.26 0.20 18.42
N CYS A 308 -40.58 1.00 19.23
CA CYS A 308 -41.18 2.20 19.82
C CYS A 308 -41.25 3.30 18.76
N ASP A 309 -42.44 3.88 18.61
CA ASP A 309 -42.64 4.98 17.70
C ASP A 309 -42.16 6.30 18.28
N VAL A 310 -41.39 7.05 17.50
CA VAL A 310 -40.97 8.40 17.87
C VAL A 310 -42.04 9.42 17.50
N ASP A 311 -42.98 9.06 16.62
CA ASP A 311 -44.08 9.91 16.23
C ASP A 311 -45.06 10.16 17.36
N SER A 312 -44.87 9.49 18.50
CA SER A 312 -45.62 9.80 19.72
C SER A 312 -45.52 11.27 20.09
N THR A 313 -46.67 11.90 20.25
CA THR A 313 -46.74 13.29 20.65
C THR A 313 -46.82 13.36 22.18
N SER A 314 -47.11 14.55 22.69
CA SER A 314 -47.18 14.85 24.11
C SER A 314 -48.60 15.36 24.40
N ALA A 315 -48.81 15.89 25.59
CA ALA A 315 -49.94 16.79 25.76
C ALA A 315 -49.85 17.91 24.75
N ALA A 316 -48.79 18.71 24.83
CA ALA A 316 -48.65 19.86 23.95
C ALA A 316 -48.36 19.46 22.52
N GLY A 317 -47.65 18.36 22.30
CA GLY A 317 -47.30 17.94 20.95
C GLY A 317 -45.82 17.66 20.78
N ASN A 318 -45.13 17.47 21.90
CA ASN A 318 -43.68 17.40 21.92
C ASN A 318 -43.17 16.02 21.57
N THR A 319 -42.15 15.97 20.72
CA THR A 319 -41.49 14.73 20.37
C THR A 319 -40.66 14.22 21.55
N ALA A 320 -40.10 13.02 21.41
CA ALA A 320 -39.25 12.49 22.45
C ALA A 320 -37.96 13.30 22.57
N LEU A 321 -37.35 13.66 21.43
CA LEU A 321 -36.14 14.47 21.50
C LEU A 321 -36.45 15.87 22.02
N HIS A 322 -37.69 16.34 21.93
CA HIS A 322 -38.04 17.58 22.61
C HIS A 322 -37.76 17.46 24.11
N VAL A 323 -38.19 16.35 24.71
CA VAL A 323 -37.92 16.13 26.12
C VAL A 323 -36.43 15.94 26.36
N ALA A 324 -35.75 15.25 25.44
CA ALA A 324 -34.32 15.04 25.61
C ALA A 324 -33.53 16.33 25.51
N VAL A 325 -33.93 17.25 24.63
CA VAL A 325 -33.19 18.48 24.40
C VAL A 325 -33.50 19.50 25.50
N MET A 326 -34.78 19.71 25.80
CA MET A 326 -35.14 20.69 26.82
C MET A 326 -34.50 20.35 28.16
N ARG A 327 -34.36 19.06 28.45
CA ARG A 327 -33.73 18.58 29.67
C ARG A 327 -32.21 18.49 29.54
N ASN A 328 -31.68 18.65 28.32
CA ASN A 328 -30.23 18.73 28.06
C ASN A 328 -29.51 17.40 28.33
N ARG A 329 -30.07 16.32 27.83
CA ARG A 329 -29.43 15.00 27.87
C ARG A 329 -28.93 14.67 26.47
N PHE A 330 -27.70 15.10 26.17
CA PHE A 330 -27.12 14.93 24.84
C PHE A 330 -27.12 13.46 24.40
N ASP A 331 -26.87 12.56 25.35
CA ASP A 331 -26.85 11.13 25.07
C ASP A 331 -28.10 10.70 24.32
N CYS A 332 -29.27 11.05 24.86
CA CYS A 332 -30.52 10.57 24.29
C CYS A 332 -30.89 11.32 23.02
N VAL A 333 -30.49 12.59 22.88
CA VAL A 333 -30.60 13.27 21.60
C VAL A 333 -29.92 12.45 20.51
N MET A 334 -28.69 12.00 20.78
CA MET A 334 -27.98 11.18 19.80
C MET A 334 -28.71 9.86 19.56
N VAL A 335 -29.10 9.18 20.64
CA VAL A 335 -29.76 7.89 20.48
C VAL A 335 -31.04 8.02 19.66
N LEU A 336 -31.72 9.16 19.73
CA LEU A 336 -32.98 9.32 19.02
C LEU A 336 -32.76 9.72 17.57
N LEU A 337 -31.97 10.77 17.32
CA LEU A 337 -31.64 11.13 15.95
C LEU A 337 -31.08 9.91 15.22
N THR A 338 -30.36 9.06 15.95
CA THR A 338 -29.81 7.82 15.39
C THR A 338 -30.93 6.90 14.91
N TYR A 339 -31.92 6.65 15.76
CA TYR A 339 -32.96 5.68 15.41
C TYR A 339 -34.09 6.27 14.58
N GLY A 340 -33.88 7.45 14.00
CA GLY A 340 -34.79 7.98 13.00
C GLY A 340 -35.59 9.18 13.45
N ALA A 341 -35.37 9.70 14.65
CA ALA A 341 -36.11 10.88 15.09
C ALA A 341 -35.85 12.03 14.13
N ASN A 342 -36.89 12.81 13.89
CA ASN A 342 -36.83 13.90 12.92
C ASN A 342 -36.78 15.22 13.67
N ALA A 343 -35.62 15.85 13.69
CA ALA A 343 -35.51 17.20 14.22
C ALA A 343 -36.27 18.15 13.31
N GLY A 344 -36.76 19.23 13.87
CA GLY A 344 -37.63 20.13 13.14
C GLY A 344 -39.11 19.88 13.33
N THR A 345 -39.48 18.94 14.18
CA THR A 345 -40.89 18.75 14.51
C THR A 345 -41.36 19.96 15.31
N PRO A 346 -42.38 20.69 14.86
CA PRO A 346 -42.72 21.95 15.55
C PRO A 346 -43.02 21.80 17.03
N GLY A 347 -43.84 20.83 17.43
CA GLY A 347 -44.02 20.57 18.84
C GLY A 347 -44.96 21.50 19.59
N GLU A 348 -44.59 21.85 20.84
CA GLU A 348 -45.51 22.61 21.68
C GLU A 348 -45.80 23.98 21.10
N HIS A 349 -44.79 24.84 21.05
CA HIS A 349 -44.96 26.22 20.63
C HIS A 349 -44.51 26.44 19.19
N GLY A 350 -44.54 25.40 18.37
CA GLY A 350 -43.82 25.46 17.13
C GLY A 350 -42.32 25.46 17.32
N ASN A 351 -41.86 25.13 18.52
CA ASN A 351 -40.44 25.10 18.85
C ASN A 351 -39.85 23.78 18.38
N THR A 352 -39.24 23.76 17.20
CA THR A 352 -38.47 22.61 16.79
C THR A 352 -37.40 22.34 17.85
N PRO A 353 -36.97 21.09 18.02
CA PRO A 353 -35.97 20.79 19.05
C PRO A 353 -34.75 21.68 18.93
N LEU A 354 -34.58 22.33 17.77
CA LEU A 354 -33.49 23.28 17.60
C LEU A 354 -33.72 24.54 18.43
N HIS A 355 -34.94 25.08 18.40
CA HIS A 355 -35.25 26.21 19.28
C HIS A 355 -34.91 25.87 20.72
N LEU A 356 -35.17 24.63 21.13
CA LEU A 356 -34.94 24.17 22.49
C LEU A 356 -33.47 24.03 22.84
N ALA A 357 -32.57 24.01 21.85
CA ALA A 357 -31.15 24.00 22.17
C ALA A 357 -30.57 25.41 22.28
N ILE A 358 -31.05 26.33 21.45
CA ILE A 358 -30.48 27.67 21.42
C ILE A 358 -30.73 28.41 22.72
N SER A 359 -31.85 28.12 23.38
CA SER A 359 -32.08 28.70 24.70
C SER A 359 -31.07 28.21 25.73
N LYS A 360 -30.32 27.15 25.43
CA LYS A 360 -29.19 26.73 26.25
C LYS A 360 -27.91 27.36 25.69
N ASP A 361 -26.76 26.90 26.14
CA ASP A 361 -25.50 27.23 25.48
C ASP A 361 -24.73 25.95 25.15
N ASN A 362 -25.44 24.95 24.61
CA ASN A 362 -24.88 23.63 24.31
C ASN A 362 -24.67 23.55 22.80
N MET A 363 -23.48 23.97 22.35
CA MET A 363 -23.17 23.95 20.94
C MET A 363 -23.02 22.54 20.39
N GLU A 364 -22.58 21.59 21.24
CA GLU A 364 -22.53 20.20 20.82
C GLU A 364 -23.87 19.77 20.26
N MET A 365 -24.94 20.08 20.99
CA MET A 365 -26.29 19.66 20.58
C MET A 365 -26.78 20.46 19.39
N ILE A 366 -26.44 21.76 19.32
CA ILE A 366 -26.88 22.56 18.18
C ILE A 366 -26.29 22.00 16.88
N LYS A 367 -24.99 21.69 16.90
CA LYS A 367 -24.40 21.04 15.73
C LYS A 367 -25.06 19.69 15.47
N ALA A 368 -25.34 18.94 16.54
CA ALA A 368 -25.98 17.64 16.38
C ALA A 368 -27.31 17.75 15.65
N LEU A 369 -28.10 18.79 15.96
CA LEU A 369 -29.41 18.90 15.31
C LEU A 369 -29.31 19.48 13.92
N ILE A 370 -28.46 20.49 13.70
CA ILE A 370 -28.34 21.05 12.36
C ILE A 370 -27.80 20.01 11.39
N VAL A 371 -26.93 19.12 11.87
CA VAL A 371 -26.40 18.05 11.02
C VAL A 371 -27.53 17.13 10.58
N PHE A 372 -28.35 16.68 11.52
CA PHE A 372 -29.42 15.73 11.22
C PHE A 372 -30.65 16.38 10.62
N GLY A 373 -30.55 17.62 10.15
CA GLY A 373 -31.55 18.18 9.27
C GLY A 373 -32.38 19.32 9.82
N ALA A 374 -32.05 19.84 11.00
CA ALA A 374 -32.85 20.93 11.54
C ALA A 374 -32.60 22.18 10.70
N GLU A 375 -33.69 22.85 10.33
CA GLU A 375 -33.61 24.11 9.60
C GLU A 375 -33.30 25.26 10.55
N VAL A 376 -32.95 26.40 9.95
CA VAL A 376 -32.70 27.62 10.69
C VAL A 376 -33.61 28.76 10.25
N ASP A 377 -34.51 28.52 9.29
CA ASP A 377 -35.51 29.52 8.94
C ASP A 377 -36.81 29.26 9.67
N THR A 378 -36.97 28.08 10.26
CA THR A 378 -38.20 27.59 10.85
C THR A 378 -38.72 28.44 12.00
N PRO A 379 -39.81 29.16 11.82
CA PRO A 379 -40.35 29.97 12.91
C PRO A 379 -41.34 29.19 13.76
N ASN A 380 -41.35 29.51 15.05
CA ASN A 380 -42.29 28.94 16.00
C ASN A 380 -43.63 29.67 15.87
N ASP A 381 -44.52 29.44 16.83
CA ASP A 381 -45.82 30.11 16.79
C ASP A 381 -45.67 31.63 16.87
N PHE A 382 -44.60 32.12 17.47
CA PHE A 382 -44.39 33.54 17.71
C PHE A 382 -43.60 34.24 16.62
N GLY A 383 -43.13 33.52 15.60
CA GLY A 383 -42.37 34.14 14.54
C GLY A 383 -40.88 34.12 14.74
N GLU A 384 -40.40 33.51 15.81
CA GLU A 384 -38.99 33.56 16.18
C GLU A 384 -38.20 32.56 15.35
N THR A 385 -37.44 33.05 14.37
CA THR A 385 -36.51 32.17 13.67
C THR A 385 -35.41 31.74 14.65
N PRO A 386 -34.91 30.51 14.52
CA PRO A 386 -33.90 30.04 15.47
C PRO A 386 -32.57 30.77 15.35
N ALA A 387 -32.17 31.19 14.14
CA ALA A 387 -30.96 32.01 14.02
C ALA A 387 -31.14 33.35 14.72
N PHE A 388 -32.37 33.86 14.76
CA PHE A 388 -32.69 35.03 15.56
C PHE A 388 -32.42 34.75 17.05
N MET A 389 -32.91 33.61 17.53
CA MET A 389 -32.58 33.15 18.87
C MET A 389 -31.08 33.16 19.10
N ALA A 390 -30.32 32.62 18.15
CA ALA A 390 -28.86 32.59 18.28
C ALA A 390 -28.30 34.00 18.46
N SER A 391 -28.55 34.88 17.49
CA SER A 391 -28.01 36.23 17.54
C SER A 391 -28.43 36.97 18.80
N LYS A 392 -29.56 36.57 19.39
CA LYS A 392 -29.98 37.13 20.68
C LYS A 392 -29.12 36.56 21.81
N ILE A 393 -28.89 35.25 21.80
CA ILE A 393 -28.26 34.57 22.93
C ILE A 393 -26.77 34.88 23.01
N SER A 394 -26.02 34.51 21.98
CA SER A 394 -24.57 34.53 22.06
C SER A 394 -23.99 35.13 20.79
N LYS A 395 -22.68 35.36 20.83
CA LYS A 395 -21.93 35.72 19.63
C LYS A 395 -21.24 34.52 18.98
N GLN A 396 -21.02 33.46 19.77
CA GLN A 396 -20.74 32.14 19.20
C GLN A 396 -21.86 31.73 18.25
N LEU A 397 -23.09 31.68 18.77
CA LEU A 397 -24.23 31.16 18.03
C LEU A 397 -24.63 32.08 16.89
N GLN A 398 -24.43 33.39 17.05
CA GLN A 398 -24.72 34.33 15.98
C GLN A 398 -23.84 34.08 14.77
N ASP A 399 -22.54 33.86 15.00
CA ASP A 399 -21.62 33.51 13.92
C ASP A 399 -21.81 32.07 13.44
N LEU A 400 -22.41 31.19 14.24
CA LEU A 400 -22.40 29.77 13.90
C LEU A 400 -23.47 29.42 12.85
N MET A 401 -24.69 29.95 12.99
CA MET A 401 -25.79 29.41 12.20
C MET A 401 -26.11 30.07 10.86
N PRO A 402 -26.39 31.38 10.82
CA PRO A 402 -27.44 31.87 9.90
C PRO A 402 -27.06 31.80 8.43
N ILE A 403 -28.07 31.57 7.61
CA ILE A 403 -27.92 31.49 6.17
C ILE A 403 -28.01 32.89 5.53
N SER A 404 -28.77 33.80 6.14
CA SER A 404 -28.93 35.15 5.62
C SER A 404 -29.44 36.10 6.70
N PRO A 409 -34.41 33.60 -7.18
CA PRO A 409 -34.54 32.21 -6.75
C PRO A 409 -35.30 31.39 -7.79
N ALA A 410 -34.56 30.74 -8.68
CA ALA A 410 -35.15 29.89 -9.73
C ALA A 410 -35.39 28.49 -9.18
N PHE A 411 -36.63 28.21 -8.80
CA PHE A 411 -37.03 26.90 -8.30
C PHE A 411 -38.30 26.43 -9.01
N ILE A 412 -38.36 26.58 -10.33
CA ILE A 412 -39.51 26.14 -11.11
C ILE A 412 -39.39 24.72 -11.64
N LEU A 413 -38.24 24.08 -11.50
CA LEU A 413 -38.01 22.70 -11.96
C LEU A 413 -38.34 22.57 -13.45
N SER A 414 -37.54 23.27 -14.25
CA SER A 414 -37.92 23.62 -15.62
C SER A 414 -38.33 22.44 -16.51
N SER A 415 -37.39 21.56 -16.86
CA SER A 415 -37.62 20.58 -17.93
C SER A 415 -36.94 19.23 -17.65
N MET A 416 -37.09 18.67 -16.46
CA MET A 416 -36.28 17.48 -16.17
C MET A 416 -37.01 16.39 -15.37
N ARG A 417 -36.75 15.14 -15.76
CA ARG A 417 -37.05 13.94 -14.98
C ARG A 417 -35.98 12.90 -15.28
N ASP A 418 -36.20 11.65 -14.88
CA ASP A 418 -35.35 10.52 -15.26
C ASP A 418 -36.11 9.64 -16.24
N GLU A 419 -35.85 9.87 -17.52
CA GLU A 419 -36.52 9.17 -18.63
C GLU A 419 -35.41 8.80 -19.62
N LYS A 420 -35.79 8.36 -20.80
CA LYS A 420 -34.82 7.95 -21.82
C LYS A 420 -34.65 9.11 -22.81
N ARG A 421 -33.57 9.86 -22.63
CA ARG A 421 -33.22 11.02 -23.46
C ARG A 421 -31.70 11.10 -23.56
N ILE A 422 -31.19 12.29 -23.89
CA ILE A 422 -29.90 12.46 -24.55
C ILE A 422 -28.71 11.95 -23.73
N HIS A 423 -28.40 12.61 -22.61
CA HIS A 423 -27.11 12.46 -21.95
C HIS A 423 -27.14 11.36 -20.90
N ASP A 424 -26.11 11.34 -20.06
CA ASP A 424 -25.86 10.27 -19.10
C ASP A 424 -25.17 10.88 -17.89
N HIS A 425 -25.66 10.58 -16.69
CA HIS A 425 -25.02 11.08 -15.48
C HIS A 425 -24.33 9.94 -14.75
N LEU A 426 -23.15 10.22 -14.19
CA LEU A 426 -22.38 9.26 -13.42
C LEU A 426 -22.15 9.80 -12.02
N LEU A 427 -22.15 8.88 -11.05
CA LEU A 427 -21.78 9.15 -9.67
C LEU A 427 -20.70 8.17 -9.25
N CYS A 428 -19.69 8.68 -8.54
CA CYS A 428 -18.54 7.87 -8.13
C CYS A 428 -18.31 8.09 -6.64
N LEU A 429 -18.78 7.15 -5.84
CA LEU A 429 -18.68 7.20 -4.39
C LEU A 429 -17.42 6.46 -3.97
N ASP A 430 -16.41 7.19 -3.51
CA ASP A 430 -15.17 6.56 -3.05
C ASP A 430 -15.46 5.55 -1.96
N GLY A 431 -14.51 4.64 -1.74
CA GLY A 431 -14.53 3.83 -0.54
C GLY A 431 -14.17 4.66 0.68
N GLY A 432 -13.73 4.00 1.73
CA GLY A 432 -13.45 4.67 2.98
C GLY A 432 -13.96 3.88 4.16
N GLY A 433 -13.80 4.41 5.36
CA GLY A 433 -14.19 3.70 6.57
C GLY A 433 -15.66 3.83 6.87
N VAL A 434 -15.98 3.82 8.17
CA VAL A 434 -17.29 4.27 8.61
C VAL A 434 -17.55 5.70 8.16
N LYS A 435 -16.51 6.42 7.73
CA LYS A 435 -16.60 7.78 7.21
C LYS A 435 -17.57 7.91 6.03
N GLY A 436 -18.12 6.81 5.54
CA GLY A 436 -19.10 6.90 4.46
C GLY A 436 -20.17 7.94 4.70
N LEU A 437 -20.50 8.19 5.97
CA LEU A 437 -21.54 9.17 6.30
C LEU A 437 -21.28 10.50 5.60
N VAL A 438 -20.00 10.90 5.51
CA VAL A 438 -19.65 12.14 4.83
C VAL A 438 -20.31 12.21 3.47
N ILE A 439 -20.07 11.20 2.63
CA ILE A 439 -20.62 11.26 1.28
C ILE A 439 -22.15 11.23 1.35
N ILE A 440 -22.71 10.44 2.28
CA ILE A 440 -24.15 10.48 2.51
C ILE A 440 -24.60 11.92 2.73
N GLN A 441 -23.96 12.57 3.71
CA GLN A 441 -24.26 13.97 3.98
C GLN A 441 -24.24 14.78 2.70
N LEU A 442 -23.13 14.68 1.96
CA LEU A 442 -23.01 15.39 0.70
C LEU A 442 -24.19 15.06 -0.19
N LEU A 443 -24.41 13.76 -0.43
CA LEU A 443 -25.52 13.34 -1.27
C LEU A 443 -26.81 13.96 -0.78
N ILE A 444 -27.06 13.87 0.53
CA ILE A 444 -28.30 14.39 1.09
C ILE A 444 -28.42 15.88 0.79
N ALA A 445 -27.34 16.64 1.07
CA ALA A 445 -27.39 18.08 0.84
C ALA A 445 -27.45 18.41 -0.65
N ILE A 446 -26.99 17.50 -1.52
CA ILE A 446 -27.25 17.66 -2.94
C ILE A 446 -28.70 17.32 -3.24
N GLU A 447 -29.15 16.18 -2.73
CA GLU A 447 -30.50 15.69 -3.00
C GLU A 447 -31.53 16.73 -2.60
N LYS A 448 -31.38 17.30 -1.41
CA LYS A 448 -32.32 18.30 -0.92
C LYS A 448 -32.23 19.59 -1.71
N ALA A 449 -31.05 19.91 -2.26
CA ALA A 449 -30.96 21.13 -3.05
C ALA A 449 -31.61 20.97 -4.42
N SER A 450 -31.87 19.74 -4.86
CA SER A 450 -32.63 19.51 -6.08
C SER A 450 -33.98 18.87 -5.83
N GLY A 451 -34.17 18.21 -4.69
CA GLY A 451 -35.41 17.52 -4.44
C GLY A 451 -35.58 16.25 -5.24
N VAL A 452 -34.56 15.79 -5.94
CA VAL A 452 -34.74 14.79 -6.98
C VAL A 452 -34.07 13.48 -6.61
N ALA A 453 -34.06 13.13 -5.33
CA ALA A 453 -34.11 11.71 -5.00
C ALA A 453 -32.99 10.86 -5.63
N THR A 454 -31.78 10.88 -5.06
CA THR A 454 -30.57 10.37 -5.70
C THR A 454 -30.77 9.23 -6.69
N LYS A 455 -31.50 8.17 -6.33
CA LYS A 455 -31.69 7.05 -7.26
C LYS A 455 -32.27 7.54 -8.59
N ASP A 456 -33.22 8.47 -8.55
CA ASP A 456 -33.83 9.03 -9.75
C ASP A 456 -32.96 10.11 -10.41
N LEU A 457 -31.81 10.43 -9.84
CA LEU A 457 -31.01 11.56 -10.32
C LEU A 457 -29.84 11.15 -11.20
N PHE A 458 -29.18 10.03 -10.90
CA PHE A 458 -28.01 9.57 -11.63
C PHE A 458 -28.32 8.29 -12.39
N ASP A 459 -27.76 8.17 -13.59
CA ASP A 459 -27.99 6.98 -14.41
C ASP A 459 -26.96 5.89 -14.17
N TRP A 460 -25.73 6.25 -13.80
CA TRP A 460 -24.66 5.31 -13.46
C TRP A 460 -24.14 5.63 -12.07
N VAL A 461 -23.81 4.59 -11.29
CA VAL A 461 -23.26 4.80 -9.94
C VAL A 461 -22.22 3.73 -9.63
N ALA A 462 -21.05 4.15 -9.15
CA ALA A 462 -19.93 3.29 -8.84
C ALA A 462 -19.51 3.53 -7.40
N GLY A 463 -19.11 2.47 -6.72
CA GLY A 463 -18.70 2.59 -5.33
C GLY A 463 -17.62 1.58 -5.01
N THR A 464 -16.78 1.90 -4.02
CA THR A 464 -15.64 1.04 -3.73
C THR A 464 -15.74 0.27 -2.42
N SER A 465 -15.78 0.94 -1.27
CA SER A 465 -15.75 0.21 0.01
C SER A 465 -16.98 0.47 0.85
N THR A 466 -17.13 1.67 1.40
CA THR A 466 -18.37 1.97 2.09
C THR A 466 -19.39 2.46 1.07
N GLY A 467 -18.92 3.25 0.12
CA GLY A 467 -19.69 3.55 -1.08
C GLY A 467 -20.13 2.33 -1.84
N GLY A 468 -19.48 1.19 -1.64
CA GLY A 468 -20.01 -0.02 -2.25
C GLY A 468 -21.37 -0.38 -1.68
N ILE A 469 -21.41 -0.58 -0.37
CA ILE A 469 -22.66 -0.80 0.35
C ILE A 469 -23.64 0.34 0.06
N LEU A 470 -23.16 1.57 0.08
CA LEU A 470 -24.04 2.73 -0.03
C LEU A 470 -24.67 2.83 -1.42
N ALA A 471 -23.85 2.69 -2.47
CA ALA A 471 -24.37 2.69 -3.84
C ALA A 471 -25.36 1.54 -4.02
N LEU A 472 -24.98 0.35 -3.56
CA LEU A 472 -25.89 -0.79 -3.60
C LEU A 472 -27.19 -0.50 -2.87
N ALA A 473 -27.15 0.33 -1.81
CA ALA A 473 -28.37 0.66 -1.09
C ALA A 473 -29.23 1.61 -1.91
N ILE A 474 -28.65 2.71 -2.37
CA ILE A 474 -29.41 3.66 -3.19
C ILE A 474 -29.85 3.05 -4.51
N LEU A 475 -29.32 1.87 -4.85
CA LEU A 475 -29.84 1.12 -5.99
C LEU A 475 -31.17 0.46 -5.67
N HIS A 476 -31.28 -0.15 -4.48
CA HIS A 476 -32.50 -0.83 -4.09
C HIS A 476 -33.53 0.13 -3.54
N SER A 477 -33.38 1.42 -3.83
CA SER A 477 -34.34 2.45 -3.48
C SER A 477 -34.44 2.59 -1.95
N LYS A 478 -33.32 2.46 -1.27
CA LYS A 478 -33.23 2.72 0.15
C LYS A 478 -32.74 4.14 0.35
N SER A 479 -33.53 4.93 1.08
CA SER A 479 -33.32 6.37 1.15
C SER A 479 -32.03 6.70 1.90
N MET A 480 -31.63 7.96 1.81
CA MET A 480 -30.29 8.37 2.23
C MET A 480 -30.23 8.65 3.73
N ALA A 481 -31.23 9.37 4.25
CA ALA A 481 -31.35 9.50 5.70
C ALA A 481 -31.39 8.11 6.34
N TYR A 482 -32.04 7.17 5.66
CA TYR A 482 -32.09 5.79 6.14
C TYR A 482 -30.70 5.20 6.24
N MET A 483 -29.83 5.48 5.26
CA MET A 483 -28.48 4.92 5.31
C MET A 483 -27.64 5.58 6.39
N ARG A 484 -27.81 6.89 6.60
CA ARG A 484 -27.16 7.53 7.74
C ARG A 484 -27.53 6.82 9.04
N GLY A 485 -28.84 6.62 9.24
CA GLY A 485 -29.28 5.84 10.39
C GLY A 485 -28.65 4.46 10.44
N VAL A 486 -28.59 3.78 9.30
CA VAL A 486 -28.08 2.41 9.25
C VAL A 486 -26.63 2.37 9.73
N TYR A 487 -25.81 3.29 9.24
CA TYR A 487 -24.41 3.31 9.66
C TYR A 487 -24.30 3.63 11.14
N PHE A 488 -25.07 4.59 11.63
CA PHE A 488 -24.99 4.91 13.05
C PHE A 488 -25.40 3.72 13.92
N ARG A 489 -26.34 2.90 13.44
CA ARG A 489 -26.79 1.73 14.19
C ARG A 489 -25.85 0.53 14.03
N MET A 490 -25.05 0.49 12.96
CA MET A 490 -24.17 -0.63 12.64
C MET A 490 -22.76 -0.48 13.19
N LYS A 491 -22.24 0.75 13.22
CA LYS A 491 -20.86 1.01 13.62
C LYS A 491 -20.50 0.41 14.97
N ASP A 492 -21.43 0.40 15.91
CA ASP A 492 -21.15 -0.21 17.21
C ASP A 492 -21.14 -1.72 17.10
N GLU A 493 -21.97 -2.27 16.20
CA GLU A 493 -22.12 -3.71 16.11
C GLU A 493 -20.91 -4.36 15.45
N VAL A 494 -20.33 -3.71 14.44
CA VAL A 494 -19.33 -4.37 13.62
C VAL A 494 -17.93 -4.25 14.21
N PHE A 495 -17.59 -3.09 14.77
CA PHE A 495 -16.24 -2.77 15.19
C PHE A 495 -15.95 -3.12 16.65
N ARG A 496 -16.66 -4.10 17.21
CA ARG A 496 -16.28 -4.65 18.52
C ARG A 496 -15.19 -5.68 18.30
N GLY A 497 -13.96 -5.21 18.42
CA GLY A 497 -12.76 -6.02 18.28
C GLY A 497 -11.58 -5.08 18.43
N SER A 498 -10.38 -5.64 18.49
CA SER A 498 -9.27 -4.73 18.68
C SER A 498 -8.77 -4.11 17.37
N ARG A 499 -7.96 -4.84 16.59
CA ARG A 499 -7.82 -4.54 15.17
C ARG A 499 -8.73 -5.39 14.28
N PRO A 500 -8.64 -6.73 14.31
CA PRO A 500 -9.34 -7.52 13.29
C PRO A 500 -10.72 -7.96 13.74
N TYR A 501 -11.64 -7.99 12.78
CA TYR A 501 -13.04 -8.29 13.04
C TYR A 501 -13.44 -9.50 12.21
N GLU A 502 -14.15 -10.45 12.84
CA GLU A 502 -14.51 -11.69 12.18
C GLU A 502 -15.68 -11.56 11.22
N SER A 503 -16.25 -10.36 11.08
CA SER A 503 -17.19 -10.00 10.01
C SER A 503 -18.56 -10.63 10.15
N GLY A 504 -18.82 -11.43 11.19
CA GLY A 504 -20.16 -11.86 11.52
C GLY A 504 -21.15 -10.71 11.54
N PRO A 505 -20.84 -9.63 12.27
CA PRO A 505 -21.73 -8.45 12.24
C PRO A 505 -21.90 -7.86 10.85
N LEU A 506 -20.80 -7.63 10.12
CA LEU A 506 -20.90 -7.01 8.79
C LEU A 506 -21.66 -7.91 7.82
N GLU A 507 -21.21 -9.16 7.67
CA GLU A 507 -21.83 -10.09 6.75
C GLU A 507 -23.32 -10.26 7.05
N GLU A 508 -23.65 -10.47 8.33
CA GLU A 508 -25.04 -10.71 8.70
C GLU A 508 -25.87 -9.43 8.62
N PHE A 509 -25.26 -8.27 8.85
CA PHE A 509 -25.93 -7.00 8.70
C PHE A 509 -26.28 -6.74 7.24
N LEU A 510 -25.40 -7.13 6.32
CA LEU A 510 -25.75 -7.04 4.91
C LEU A 510 -26.88 -8.02 4.57
N LYS A 511 -26.78 -9.25 5.09
CA LYS A 511 -27.87 -10.21 4.94
C LYS A 511 -29.21 -9.58 5.30
N ARG A 512 -29.25 -8.90 6.46
CA ARG A 512 -30.48 -8.26 6.91
C ARG A 512 -30.85 -7.09 6.00
N GLU A 513 -29.89 -6.21 5.74
CA GLU A 513 -30.19 -4.91 5.15
C GLU A 513 -30.49 -5.02 3.67
N PHE A 514 -29.94 -6.04 3.01
CA PHE A 514 -30.15 -6.20 1.58
C PHE A 514 -30.90 -7.47 1.20
N GLY A 515 -31.04 -8.43 2.11
CA GLY A 515 -31.78 -9.62 1.77
C GLY A 515 -30.85 -10.80 1.56
N GLU A 516 -31.16 -11.93 2.20
CA GLU A 516 -30.31 -13.10 2.06
C GLU A 516 -30.39 -13.72 0.67
N HIS A 517 -31.55 -13.60 0.02
CA HIS A 517 -31.77 -14.20 -1.28
C HIS A 517 -31.86 -13.18 -2.41
N THR A 518 -31.75 -11.89 -2.11
CA THR A 518 -31.79 -10.88 -3.15
C THR A 518 -30.53 -10.97 -4.00
N LYS A 519 -30.70 -11.34 -5.26
CA LYS A 519 -29.58 -11.47 -6.17
C LYS A 519 -29.27 -10.10 -6.77
N MET A 520 -28.08 -9.99 -7.39
CA MET A 520 -27.56 -8.70 -7.76
C MET A 520 -28.46 -7.98 -8.76
N THR A 521 -28.77 -8.63 -9.87
CA THR A 521 -29.36 -8.00 -11.05
C THR A 521 -30.88 -7.89 -10.99
N ASP A 522 -31.47 -7.82 -9.78
CA ASP A 522 -32.91 -7.66 -9.62
C ASP A 522 -33.41 -6.26 -9.95
N VAL A 523 -32.51 -5.32 -10.22
CA VAL A 523 -32.87 -3.90 -10.21
C VAL A 523 -32.56 -3.16 -11.50
N LYS A 524 -31.27 -3.03 -11.84
CA LYS A 524 -30.74 -2.27 -12.97
C LYS A 524 -31.42 -0.91 -13.09
N LYS A 525 -31.89 -0.35 -11.96
CA LYS A 525 -32.66 0.88 -11.99
C LYS A 525 -31.73 2.00 -12.44
N PRO A 526 -30.69 2.42 -11.67
CA PRO A 526 -29.50 2.95 -12.33
C PRO A 526 -28.48 1.84 -12.46
N LYS A 527 -27.64 1.86 -13.49
CA LYS A 527 -26.58 0.87 -13.55
C LYS A 527 -25.60 1.10 -12.41
N VAL A 528 -25.13 0.03 -11.78
CA VAL A 528 -24.26 0.15 -10.61
C VAL A 528 -23.04 -0.76 -10.78
N MET A 529 -21.95 -0.36 -10.13
CA MET A 529 -20.72 -1.14 -10.15
C MET A 529 -19.99 -0.99 -8.83
N LEU A 530 -19.69 -2.13 -8.20
CA LEU A 530 -18.90 -2.17 -6.98
C LEU A 530 -17.52 -2.73 -7.29
N THR A 531 -16.49 -2.10 -6.74
CA THR A 531 -15.13 -2.59 -6.95
C THR A 531 -14.86 -3.79 -6.06
N GLY A 532 -13.69 -4.39 -6.25
CA GLY A 532 -13.24 -5.48 -5.42
C GLY A 532 -11.98 -6.12 -5.95
N THR A 533 -11.03 -6.40 -5.06
CA THR A 533 -9.74 -6.98 -5.43
C THR A 533 -9.82 -8.49 -5.40
N LEU A 534 -9.82 -9.11 -6.56
CA LEU A 534 -9.82 -10.56 -6.68
C LEU A 534 -8.45 -11.07 -6.28
N SER A 535 -8.32 -11.57 -5.05
CA SER A 535 -7.05 -12.07 -4.53
C SER A 535 -6.81 -13.53 -4.83
N ASP A 536 -7.59 -14.12 -5.73
CA ASP A 536 -7.46 -15.52 -6.10
C ASP A 536 -6.19 -15.78 -6.90
N ARG A 537 -5.55 -14.72 -7.42
CA ARG A 537 -4.46 -14.82 -8.39
C ARG A 537 -3.32 -13.88 -8.01
N GLN A 538 -2.09 -14.38 -8.14
CA GLN A 538 -0.89 -13.57 -7.92
C GLN A 538 -0.87 -12.26 -8.72
N PRO A 539 -1.36 -12.19 -9.97
CA PRO A 539 -1.57 -10.87 -10.59
C PRO A 539 -2.40 -9.92 -9.74
N ALA A 540 -3.41 -10.44 -9.04
CA ALA A 540 -4.33 -9.63 -8.21
C ALA A 540 -5.06 -8.60 -9.08
N GLU A 541 -5.92 -9.13 -9.94
CA GLU A 541 -6.72 -8.35 -10.87
C GLU A 541 -7.84 -7.62 -10.12
N LEU A 542 -8.60 -6.80 -10.85
CA LEU A 542 -9.77 -6.13 -10.30
C LEU A 542 -11.02 -6.69 -10.95
N HIS A 543 -12.03 -6.96 -10.14
CA HIS A 543 -13.34 -7.40 -10.59
C HIS A 543 -14.37 -6.33 -10.22
N LEU A 544 -15.15 -5.89 -11.21
CA LEU A 544 -16.28 -5.01 -10.95
C LEU A 544 -17.53 -5.85 -10.78
N PHE A 545 -18.18 -5.70 -9.62
CA PHE A 545 -19.46 -6.35 -9.39
C PHE A 545 -20.50 -5.54 -10.13
N ARG A 546 -21.08 -6.13 -11.18
CA ARG A 546 -21.86 -5.38 -12.13
C ARG A 546 -23.26 -5.97 -12.27
N ASN A 547 -24.20 -5.09 -12.66
CA ASN A 547 -25.61 -5.46 -12.69
C ASN A 547 -26.30 -5.04 -13.98
N TYR A 548 -25.57 -4.79 -15.05
CA TYR A 548 -26.26 -4.61 -16.33
C TYR A 548 -26.26 -5.88 -17.17
N ASP A 549 -25.17 -6.22 -17.87
CA ASP A 549 -24.86 -7.62 -18.13
C ASP A 549 -23.38 -7.90 -17.93
N ALA A 550 -22.57 -7.30 -18.81
CA ALA A 550 -21.11 -7.36 -18.89
C ALA A 550 -20.67 -6.53 -20.10
N PRO A 551 -19.50 -5.90 -20.05
CA PRO A 551 -18.93 -5.33 -21.27
C PRO A 551 -18.03 -6.33 -21.99
N GLU A 552 -18.31 -6.60 -23.26
CA GLU A 552 -17.55 -7.59 -24.01
C GLU A 552 -16.42 -6.85 -24.72
N VAL A 553 -15.26 -6.88 -24.10
CA VAL A 553 -14.06 -6.11 -24.42
C VAL A 553 -13.65 -6.35 -25.87
N ILE A 554 -12.77 -5.47 -26.38
CA ILE A 554 -12.33 -5.38 -27.76
C ILE A 554 -11.71 -6.70 -28.22
N ARG A 555 -11.83 -7.73 -27.36
CA ARG A 555 -11.42 -9.11 -27.60
C ARG A 555 -9.91 -9.25 -27.49
N GLU A 556 -9.31 -8.62 -26.47
CA GLU A 556 -7.88 -8.67 -26.23
C GLU A 556 -7.62 -9.13 -24.79
N PRO A 557 -7.82 -10.44 -24.49
CA PRO A 557 -7.43 -10.96 -23.16
C PRO A 557 -5.96 -11.30 -23.06
N ARG A 558 -5.14 -10.33 -22.64
CA ARG A 558 -3.69 -10.39 -22.71
C ARG A 558 -3.01 -11.08 -21.53
N PHE A 559 -3.76 -11.53 -20.52
CA PHE A 559 -3.13 -12.15 -19.35
C PHE A 559 -3.19 -13.67 -19.38
N ASN A 560 -4.23 -14.23 -19.98
CA ASN A 560 -4.39 -15.65 -20.29
C ASN A 560 -4.01 -15.85 -21.77
N GLN A 561 -4.39 -16.99 -22.35
CA GLN A 561 -4.19 -17.38 -23.75
C GLN A 561 -2.78 -17.91 -24.04
N ASN A 562 -1.89 -17.83 -23.07
CA ASN A 562 -0.73 -18.70 -23.01
C ASN A 562 -1.18 -19.56 -21.85
N ILE A 563 -1.48 -20.83 -22.10
CA ILE A 563 -2.63 -21.52 -21.50
C ILE A 563 -2.58 -21.51 -19.96
N ASN A 564 -1.84 -20.55 -19.39
CA ASN A 564 -1.42 -20.41 -17.99
C ASN A 564 -2.30 -21.14 -17.00
N LEU A 565 -3.58 -20.80 -16.92
CA LEU A 565 -4.43 -21.53 -15.98
C LEU A 565 -5.90 -21.26 -16.27
N LYS A 566 -6.69 -22.31 -16.15
CA LYS A 566 -8.15 -22.20 -16.13
C LYS A 566 -8.79 -23.09 -15.06
N PRO A 567 -8.30 -23.12 -13.82
CA PRO A 567 -9.14 -23.59 -12.70
C PRO A 567 -9.84 -22.49 -11.91
N PRO A 568 -9.55 -21.19 -12.09
CA PRO A 568 -10.34 -20.21 -11.35
C PRO A 568 -11.55 -19.75 -12.15
N THR A 569 -12.51 -19.19 -11.45
CA THR A 569 -13.75 -18.78 -12.07
C THR A 569 -14.04 -17.32 -11.79
N GLN A 570 -14.77 -16.71 -12.74
CA GLN A 570 -15.13 -15.30 -12.77
C GLN A 570 -16.65 -15.28 -12.57
N PRO A 571 -17.11 -15.28 -11.32
CA PRO A 571 -18.50 -15.67 -10.98
C PRO A 571 -19.56 -14.68 -11.43
N ALA A 572 -20.52 -15.17 -12.23
CA ALA A 572 -21.51 -14.34 -12.88
C ALA A 572 -22.30 -13.53 -11.85
N ASP A 573 -23.06 -12.56 -12.35
CA ASP A 573 -23.75 -11.52 -11.58
C ASP A 573 -24.87 -12.06 -10.67
N GLN A 574 -24.59 -12.15 -9.37
CA GLN A 574 -25.53 -12.65 -8.36
C GLN A 574 -25.15 -12.13 -6.98
N LEU A 575 -26.06 -12.33 -6.02
CA LEU A 575 -25.79 -12.25 -4.57
C LEU A 575 -25.39 -10.88 -4.01
N VAL A 576 -26.36 -9.98 -3.88
CA VAL A 576 -26.14 -8.59 -3.46
C VAL A 576 -25.21 -8.51 -2.24
N TRP A 577 -25.63 -9.11 -1.12
CA TRP A 577 -24.90 -8.90 0.14
C TRP A 577 -23.47 -9.45 0.06
N ARG A 578 -23.28 -10.59 -0.62
CA ARG A 578 -21.95 -11.18 -0.69
C ARG A 578 -21.00 -10.26 -1.42
N ALA A 579 -21.46 -9.63 -2.50
CA ALA A 579 -20.64 -8.68 -3.23
C ALA A 579 -20.39 -7.42 -2.41
N ALA A 580 -21.40 -6.98 -1.65
CA ALA A 580 -21.20 -5.81 -0.80
C ALA A 580 -20.09 -6.06 0.20
N ARG A 581 -20.04 -7.27 0.77
CA ARG A 581 -18.92 -7.58 1.67
C ARG A 581 -17.62 -7.71 0.90
N SER A 582 -17.62 -8.45 -0.20
CA SER A 582 -16.40 -8.68 -0.97
C SER A 582 -15.77 -7.37 -1.43
N SER A 583 -16.55 -6.30 -1.51
CA SER A 583 -16.04 -4.97 -1.79
C SER A 583 -15.61 -4.24 -0.53
N GLY A 584 -16.55 -4.03 0.40
CA GLY A 584 -16.42 -3.07 1.46
C GLY A 584 -15.54 -3.46 2.63
N ALA A 585 -14.95 -4.64 2.61
CA ALA A 585 -14.19 -5.13 3.76
C ALA A 585 -12.72 -4.74 3.54
N ALA A 586 -12.31 -3.64 4.17
CA ALA A 586 -10.92 -3.22 4.21
C ALA A 586 -10.07 -4.24 4.97
N PRO A 587 -9.22 -5.03 4.32
CA PRO A 587 -8.64 -6.19 5.00
C PRO A 587 -7.43 -5.86 5.85
N THR A 588 -6.85 -4.66 5.71
CA THR A 588 -5.98 -4.13 6.75
C THR A 588 -6.67 -4.10 8.10
N TYR A 589 -8.00 -4.05 8.11
CA TYR A 589 -8.81 -4.09 9.31
C TYR A 589 -9.56 -5.40 9.51
N PHE A 590 -10.24 -5.92 8.48
CA PHE A 590 -11.20 -6.97 8.78
C PHE A 590 -10.63 -8.37 8.95
N ARG A 591 -10.27 -9.01 7.82
CA ARG A 591 -9.88 -10.43 7.78
C ARG A 591 -9.59 -10.82 6.34
N PRO A 592 -9.04 -12.00 6.10
CA PRO A 592 -9.35 -12.69 4.84
C PRO A 592 -10.86 -12.82 4.65
N ASN A 593 -11.32 -12.52 3.44
CA ASN A 593 -12.76 -12.36 3.16
C ASN A 593 -13.17 -13.09 1.88
N GLY A 594 -12.78 -14.35 1.77
CA GLY A 594 -13.13 -15.15 0.61
C GLY A 594 -12.10 -15.00 -0.49
N ARG A 595 -12.56 -14.77 -1.73
CA ARG A 595 -11.62 -14.49 -2.81
C ARG A 595 -11.19 -13.03 -2.83
N PHE A 596 -11.97 -12.13 -2.25
CA PHE A 596 -11.84 -10.71 -2.50
C PHE A 596 -11.39 -9.97 -1.24
N LEU A 597 -10.66 -8.89 -1.47
CA LEU A 597 -10.29 -7.91 -0.47
C LEU A 597 -10.90 -6.56 -0.84
N ASP A 598 -10.67 -5.56 0.01
CA ASP A 598 -11.18 -4.21 -0.25
C ASP A 598 -10.83 -3.75 -1.66
N GLY A 599 -11.75 -2.97 -2.24
CA GLY A 599 -11.41 -2.23 -3.43
C GLY A 599 -10.53 -1.03 -3.19
N GLY A 600 -9.96 -0.91 -2.00
CA GLY A 600 -9.05 0.17 -1.68
C GLY A 600 -7.61 -0.18 -1.99
N LEU A 601 -7.33 -1.48 -2.08
CA LEU A 601 -6.05 -1.95 -2.59
C LEU A 601 -5.91 -1.59 -4.06
N LEU A 602 -7.00 -1.73 -4.80
CA LEU A 602 -7.18 -1.28 -6.18
C LEU A 602 -7.89 0.07 -6.16
N ALA A 603 -8.63 0.38 -7.23
CA ALA A 603 -9.14 1.72 -7.55
C ALA A 603 -9.40 2.60 -6.33
N ASN A 604 -10.29 2.20 -5.43
CA ASN A 604 -10.60 2.95 -4.20
C ASN A 604 -11.17 4.32 -4.47
N ASN A 605 -11.35 4.67 -5.72
CA ASN A 605 -11.92 5.93 -6.13
C ASN A 605 -12.29 5.60 -7.57
N PRO A 606 -13.41 4.91 -7.75
CA PRO A 606 -13.66 4.22 -9.02
C PRO A 606 -13.72 5.16 -10.20
N THR A 607 -13.79 6.47 -9.95
CA THR A 607 -13.96 7.47 -11.00
C THR A 607 -13.20 7.10 -12.27
N LEU A 608 -11.89 6.87 -12.16
CA LEU A 608 -11.11 6.50 -13.35
C LEU A 608 -11.57 5.16 -13.90
N ASP A 609 -11.74 4.18 -13.03
CA ASP A 609 -12.12 2.86 -13.50
C ASP A 609 -13.56 2.86 -13.96
N ALA A 610 -14.41 3.65 -13.31
CA ALA A 610 -15.81 3.68 -13.70
C ALA A 610 -15.98 4.34 -15.06
N MET A 611 -15.18 5.36 -15.37
CA MET A 611 -15.27 5.94 -16.70
C MET A 611 -14.72 5.00 -17.76
N THR A 612 -13.61 4.32 -17.47
CA THR A 612 -13.14 3.27 -18.37
C THR A 612 -14.26 2.26 -18.65
N GLU A 613 -15.01 1.88 -17.61
CA GLU A 613 -16.07 0.92 -17.78
C GLU A 613 -17.24 1.48 -18.57
N ILE A 614 -17.63 2.74 -18.29
CA ILE A 614 -18.65 3.42 -19.09
C ILE A 614 -18.31 3.29 -20.57
N HIS A 615 -17.10 3.71 -20.93
CA HIS A 615 -16.70 3.73 -22.33
C HIS A 615 -16.60 2.32 -22.89
N GLU A 616 -16.13 1.37 -22.09
CA GLU A 616 -16.05 -0.02 -22.53
C GLU A 616 -17.44 -0.54 -22.88
N TYR A 617 -18.43 -0.26 -22.03
CA TYR A 617 -19.79 -0.70 -22.28
C TYR A 617 -20.41 0.03 -23.47
N ASN A 618 -20.09 1.31 -23.64
CA ASN A 618 -20.62 2.06 -24.79
C ASN A 618 -20.06 1.53 -26.10
N GLN A 619 -18.78 1.16 -26.11
CA GLN A 619 -18.19 0.59 -27.32
C GLN A 619 -18.65 -0.84 -27.55
N ASP A 620 -18.95 -1.59 -26.50
CA ASP A 620 -19.59 -2.88 -26.71
C ASP A 620 -20.96 -2.70 -27.35
N MET A 621 -21.75 -1.73 -26.84
CA MET A 621 -23.05 -1.44 -27.42
C MET A 621 -22.92 -1.10 -28.91
N ILE A 622 -22.07 -0.12 -29.23
CA ILE A 622 -21.93 0.31 -30.62
C ILE A 622 -21.41 -0.83 -31.47
N ARG A 623 -20.36 -1.51 -30.98
CA ARG A 623 -19.79 -2.68 -31.62
C ARG A 623 -20.85 -3.74 -31.89
N LYS A 624 -21.79 -3.92 -30.96
CA LYS A 624 -22.91 -4.83 -31.13
C LYS A 624 -23.96 -4.33 -32.12
N GLY A 625 -23.75 -3.18 -32.76
CA GLY A 625 -24.76 -2.66 -33.67
C GLY A 625 -25.98 -2.05 -33.03
N GLN A 626 -25.91 -1.74 -31.74
CA GLN A 626 -27.05 -1.15 -31.06
C GLN A 626 -27.39 0.23 -31.62
N GLY A 627 -26.41 1.14 -31.65
CA GLY A 627 -26.63 2.45 -32.21
C GLY A 627 -27.41 3.39 -31.32
N ASN A 628 -28.04 2.88 -30.27
CA ASN A 628 -28.64 3.69 -29.22
C ASN A 628 -27.68 3.79 -28.03
N LYS A 629 -26.52 4.40 -28.27
CA LYS A 629 -25.67 4.78 -27.17
C LYS A 629 -26.47 5.64 -26.21
N VAL A 630 -26.28 5.45 -24.91
CA VAL A 630 -27.01 6.31 -23.98
C VAL A 630 -26.51 7.71 -24.31
N LYS A 631 -25.23 7.99 -24.06
CA LYS A 631 -24.57 9.19 -24.56
C LYS A 631 -23.13 9.29 -24.06
N LYS A 632 -22.43 10.33 -24.48
CA LYS A 632 -21.42 10.93 -23.62
C LYS A 632 -21.98 11.07 -22.22
N LEU A 633 -21.30 10.49 -21.25
CA LEU A 633 -21.59 10.82 -19.87
C LEU A 633 -21.25 12.29 -19.69
N SER A 634 -22.28 13.13 -19.55
CA SER A 634 -22.09 14.56 -19.54
C SER A 634 -21.56 15.07 -18.22
N ILE A 635 -21.85 14.38 -17.11
CA ILE A 635 -21.38 14.81 -15.80
C ILE A 635 -20.86 13.59 -15.05
N VAL A 636 -19.72 13.73 -14.39
CA VAL A 636 -19.24 12.76 -13.41
C VAL A 636 -18.97 13.49 -12.10
N VAL A 637 -19.57 12.99 -11.02
CA VAL A 637 -19.48 13.57 -9.70
C VAL A 637 -18.83 12.55 -8.78
N SER A 638 -17.71 12.93 -8.18
CA SER A 638 -16.93 12.04 -7.33
C SER A 638 -16.99 12.59 -5.91
N LEU A 639 -17.55 11.81 -5.00
CA LEU A 639 -17.76 12.23 -3.63
C LEU A 639 -16.85 11.40 -2.73
N GLY A 640 -16.02 12.08 -1.95
CA GLY A 640 -14.99 11.44 -1.17
C GLY A 640 -15.25 11.57 0.31
N THR A 641 -14.80 10.59 1.08
CA THR A 641 -15.15 10.57 2.49
C THR A 641 -14.26 11.50 3.28
N GLY A 642 -14.11 12.74 2.82
CA GLY A 642 -13.36 13.75 3.54
C GLY A 642 -11.85 13.67 3.35
N ARG A 643 -11.20 14.80 3.66
CA ARG A 643 -9.75 14.92 3.68
C ARG A 643 -9.28 15.24 5.09
N SER A 644 -8.27 14.50 5.55
CA SER A 644 -7.54 14.83 6.76
C SER A 644 -6.83 16.18 6.57
N PRO A 645 -6.35 16.81 7.64
CA PRO A 645 -5.54 18.02 7.46
C PRO A 645 -4.07 17.69 7.19
N GLN A 646 -3.39 18.65 6.57
CA GLN A 646 -2.08 18.39 5.97
C GLN A 646 -1.01 18.37 7.06
N VAL A 647 -0.48 17.20 7.35
CA VAL A 647 0.51 17.02 8.42
C VAL A 647 1.89 16.99 7.81
N PRO A 648 2.84 17.79 8.28
CA PRO A 648 4.24 17.63 7.88
C PRO A 648 4.82 16.35 8.45
N VAL A 649 5.88 15.84 7.80
CA VAL A 649 6.61 14.67 8.27
C VAL A 649 8.10 14.90 8.09
N THR A 650 8.82 15.10 9.20
CA THR A 650 10.26 15.32 9.17
C THR A 650 11.05 14.06 9.50
N CYS A 651 10.54 12.89 9.11
CA CYS A 651 11.19 11.62 9.45
C CYS A 651 11.43 10.78 8.19
N LYS A 671 6.30 1.80 13.14
CA LYS A 671 6.16 1.79 11.68
C LYS A 671 5.40 3.01 11.16
N GLU A 672 6.13 4.02 10.70
CA GLU A 672 5.54 5.13 9.95
C GLU A 672 6.15 5.29 8.57
N LEU A 673 7.13 4.45 8.21
CA LEU A 673 7.66 4.37 6.86
C LEU A 673 7.33 3.04 6.20
N GLY A 674 6.70 2.12 6.93
CA GLY A 674 6.24 0.86 6.38
C GLY A 674 4.74 0.88 6.21
N LYS A 675 4.09 1.85 6.87
CA LYS A 675 2.66 2.09 6.67
C LYS A 675 2.37 3.23 5.71
N MET A 676 3.33 4.10 5.43
CA MET A 676 3.09 5.14 4.43
C MET A 676 2.93 4.54 3.04
N VAL A 677 3.46 3.32 2.83
CA VAL A 677 3.16 2.57 1.61
C VAL A 677 1.66 2.41 1.43
N VAL A 678 0.94 2.14 2.53
CA VAL A 678 -0.50 1.88 2.43
C VAL A 678 -1.27 3.18 2.21
N ASP A 679 -0.85 4.25 2.90
CA ASP A 679 -1.37 5.59 2.60
C ASP A 679 -1.27 5.89 1.11
N CYS A 680 -0.13 5.58 0.50
CA CYS A 680 0.04 5.82 -0.93
C CYS A 680 -0.88 4.91 -1.75
N CYS A 681 -0.92 3.63 -1.39
CA CYS A 681 -1.68 2.66 -2.19
C CYS A 681 -3.17 2.96 -2.21
N THR A 682 -3.70 3.58 -1.15
CA THR A 682 -5.14 3.82 -1.07
C THR A 682 -5.53 5.30 -1.16
N ASP A 683 -4.60 6.16 -1.58
CA ASP A 683 -4.88 7.60 -1.77
C ASP A 683 -5.98 7.83 -2.81
N PRO A 684 -7.17 8.28 -2.38
CA PRO A 684 -8.23 8.55 -3.36
C PRO A 684 -8.34 10.02 -3.72
N ASP A 685 -7.68 10.90 -2.97
CA ASP A 685 -7.81 12.35 -3.15
C ASP A 685 -6.51 12.99 -3.61
N GLY A 686 -5.56 12.20 -4.10
CA GLY A 686 -4.32 12.76 -4.59
C GLY A 686 -4.41 12.99 -6.08
N ARG A 687 -3.71 12.18 -6.87
CA ARG A 687 -3.75 12.44 -8.30
C ARG A 687 -5.02 11.91 -8.94
N ALA A 688 -5.65 10.88 -8.37
CA ALA A 688 -6.83 10.30 -9.00
C ALA A 688 -7.97 11.32 -9.07
N VAL A 689 -7.76 12.49 -8.49
CA VAL A 689 -8.60 13.65 -8.80
C VAL A 689 -8.10 14.32 -10.06
N ASP A 690 -6.81 14.70 -10.09
CA ASP A 690 -6.28 15.49 -11.20
C ASP A 690 -6.39 14.73 -12.52
N ARG A 691 -6.09 13.43 -12.50
CA ARG A 691 -6.19 12.58 -13.67
C ARG A 691 -7.61 12.61 -14.25
N ALA A 692 -8.58 12.17 -13.45
CA ALA A 692 -9.97 12.18 -13.89
C ALA A 692 -10.39 13.57 -14.37
N ARG A 693 -9.95 14.62 -13.68
CA ARG A 693 -10.40 15.97 -13.99
C ARG A 693 -9.87 16.43 -15.35
N ALA A 694 -8.56 16.30 -15.55
CA ALA A 694 -7.97 16.73 -16.81
C ALA A 694 -8.46 15.87 -17.97
N TRP A 695 -8.82 14.61 -17.70
CA TRP A 695 -9.29 13.77 -18.78
C TRP A 695 -10.74 14.11 -19.13
N SER A 696 -11.54 14.46 -18.13
CA SER A 696 -12.88 14.96 -18.42
C SER A 696 -12.83 16.29 -19.18
N GLU A 697 -11.86 17.13 -18.85
CA GLU A 697 -11.69 18.35 -19.63
C GLU A 697 -11.30 18.02 -21.07
N MET A 698 -10.61 16.88 -21.27
CA MET A 698 -10.40 16.39 -22.62
C MET A 698 -11.71 16.04 -23.29
N VAL A 699 -12.64 15.44 -22.54
CA VAL A 699 -13.85 14.91 -23.16
C VAL A 699 -15.03 15.89 -23.09
N GLY A 700 -15.12 16.69 -22.03
CA GLY A 700 -16.19 17.68 -21.97
C GLY A 700 -17.19 17.51 -20.84
N ILE A 701 -16.71 17.06 -19.67
CA ILE A 701 -17.58 16.42 -18.69
C ILE A 701 -17.89 17.34 -17.51
N GLN A 702 -16.96 18.23 -17.15
CA GLN A 702 -17.04 18.96 -15.88
C GLN A 702 -17.14 17.99 -14.70
N TYR A 703 -16.02 17.29 -14.51
CA TYR A 703 -15.75 16.58 -13.26
C TYR A 703 -16.12 17.43 -12.06
N PHE A 704 -16.81 16.83 -11.11
CA PHE A 704 -17.25 17.51 -9.89
C PHE A 704 -16.72 16.73 -8.70
N ARG A 705 -15.60 17.14 -8.13
CA ARG A 705 -15.05 16.48 -6.96
C ARG A 705 -15.53 17.21 -5.73
N LEU A 706 -16.22 16.50 -4.84
CA LEU A 706 -16.80 17.10 -3.66
C LEU A 706 -16.41 16.27 -2.44
N ASN A 707 -15.73 16.92 -1.48
CA ASN A 707 -15.44 16.37 -0.17
C ASN A 707 -14.76 17.40 0.71
N PRO A 708 -14.95 17.34 2.04
CA PRO A 708 -14.53 18.44 2.91
C PRO A 708 -13.18 18.28 3.60
N GLN A 709 -12.46 19.40 3.82
CA GLN A 709 -11.34 19.38 4.74
C GLN A 709 -11.89 19.20 6.15
N LEU A 710 -11.76 17.99 6.70
CA LEU A 710 -12.01 17.78 8.10
C LEU A 710 -10.94 18.49 8.94
N GLY A 711 -11.09 18.44 10.25
CA GLY A 711 -10.09 19.02 11.11
C GLY A 711 -9.40 17.94 11.93
N SER A 712 -9.37 16.73 11.37
CA SER A 712 -8.95 15.58 12.17
C SER A 712 -8.68 14.38 11.27
N ASP A 713 -7.85 13.48 11.76
CA ASP A 713 -7.53 12.22 11.09
C ASP A 713 -8.52 11.12 11.50
N ILE A 714 -9.80 11.37 11.20
CA ILE A 714 -10.86 10.40 11.48
C ILE A 714 -10.48 9.06 10.88
N MET A 715 -10.32 8.04 11.70
CA MET A 715 -9.84 6.77 11.20
C MET A 715 -11.01 5.89 10.77
N LEU A 716 -10.68 4.74 10.21
CA LEU A 716 -11.66 3.88 9.56
C LEU A 716 -12.70 3.37 10.56
N ASP A 717 -12.27 2.65 11.59
CA ASP A 717 -13.20 2.02 12.53
C ASP A 717 -13.50 2.93 13.73
N GLU A 718 -13.97 4.13 13.41
CA GLU A 718 -14.32 5.14 14.41
C GLU A 718 -15.78 4.96 14.82
N VAL A 719 -16.04 4.80 16.11
CA VAL A 719 -17.38 4.50 16.60
C VAL A 719 -17.90 5.51 17.62
N ASN A 720 -17.10 6.49 18.04
CA ASN A 720 -17.62 7.57 18.87
C ASN A 720 -18.41 8.52 17.97
N ASP A 721 -19.74 8.43 18.01
CA ASP A 721 -20.56 9.23 17.12
C ASP A 721 -20.50 10.72 17.42
N ALA A 722 -19.88 11.14 18.52
CA ALA A 722 -19.62 12.56 18.74
C ALA A 722 -18.65 13.11 17.70
N VAL A 723 -17.55 12.39 17.46
CA VAL A 723 -16.57 12.85 16.49
C VAL A 723 -17.10 12.74 15.07
N LEU A 724 -17.86 11.68 14.79
CA LEU A 724 -18.52 11.55 13.49
C LEU A 724 -19.48 12.70 13.25
N VAL A 725 -20.21 13.14 14.29
CA VAL A 725 -21.12 14.27 14.15
C VAL A 725 -20.34 15.57 13.93
N ASN A 726 -19.23 15.76 14.66
CA ASN A 726 -18.38 16.92 14.37
C ASN A 726 -17.93 16.92 12.92
N ALA A 727 -17.59 15.75 12.40
CA ALA A 727 -17.14 15.64 11.02
C ALA A 727 -18.27 15.97 10.06
N LEU A 728 -19.48 15.54 10.38
CA LEU A 728 -20.63 15.91 9.57
C LEU A 728 -20.87 17.42 9.62
N TRP A 729 -20.60 18.05 10.77
CA TRP A 729 -20.68 19.51 10.85
C TRP A 729 -19.63 20.15 9.97
N GLU A 730 -18.42 19.61 9.97
CA GLU A 730 -17.38 20.04 9.03
C GLU A 730 -17.90 19.98 7.59
N THR A 731 -18.56 18.88 7.25
CA THR A 731 -19.12 18.71 5.92
C THR A 731 -20.16 19.78 5.63
N GLU A 732 -21.01 20.07 6.60
CA GLU A 732 -22.08 21.05 6.38
C GLU A 732 -21.52 22.47 6.26
N VAL A 733 -20.42 22.77 6.96
CA VAL A 733 -19.75 24.05 6.77
C VAL A 733 -19.13 24.12 5.37
N TYR A 734 -18.61 22.99 4.90
CA TYR A 734 -18.11 22.93 3.53
C TYR A 734 -19.24 23.23 2.55
N ILE A 735 -20.43 22.67 2.79
CA ILE A 735 -21.57 22.95 1.94
C ILE A 735 -21.95 24.43 2.03
N TYR A 736 -21.88 24.99 3.23
CA TYR A 736 -22.10 26.43 3.43
C TYR A 736 -21.25 27.22 2.46
N GLU A 737 -19.93 27.04 2.55
CA GLU A 737 -19.02 27.83 1.74
C GLU A 737 -19.22 27.56 0.25
N HIS A 738 -19.39 26.29 -0.11
CA HIS A 738 -19.66 25.89 -1.49
C HIS A 738 -21.17 25.93 -1.77
N ARG A 739 -21.73 27.14 -1.73
CA ARG A 739 -23.10 27.24 -2.21
C ARG A 739 -23.15 27.47 -3.71
N GLU A 740 -22.01 27.67 -4.35
CA GLU A 740 -21.93 27.90 -5.79
C GLU A 740 -21.79 26.59 -6.56
N GLU A 741 -20.80 25.78 -6.18
CA GLU A 741 -20.60 24.49 -6.82
C GLU A 741 -21.85 23.61 -6.76
N PHE A 742 -22.50 23.54 -5.59
CA PHE A 742 -23.66 22.67 -5.45
C PHE A 742 -24.83 23.15 -6.31
N GLN A 743 -25.09 24.45 -6.32
CA GLN A 743 -26.16 24.95 -7.16
C GLN A 743 -25.84 24.73 -8.63
N LYS A 744 -24.57 24.90 -9.03
CA LYS A 744 -24.21 24.68 -10.42
C LYS A 744 -24.35 23.21 -10.78
N LEU A 745 -24.04 22.31 -9.84
CA LEU A 745 -24.16 20.89 -10.10
C LEU A 745 -25.61 20.47 -10.25
N VAL A 746 -26.48 20.92 -9.34
CA VAL A 746 -27.91 20.64 -9.48
C VAL A 746 -28.46 21.21 -10.78
N GLN A 747 -28.09 22.47 -11.05
CA GLN A 747 -28.47 23.15 -12.29
C GLN A 747 -28.17 22.27 -13.50
N MET A 748 -26.94 21.80 -13.62
CA MET A 748 -26.61 20.89 -14.72
C MET A 748 -27.38 19.59 -14.62
N LEU A 749 -27.60 19.09 -13.40
CA LEU A 749 -28.24 17.80 -13.24
C LEU A 749 -29.68 17.81 -13.73
N LEU A 750 -30.29 18.99 -13.85
CA LEU A 750 -31.66 19.10 -14.36
C LEU A 750 -31.75 19.86 -15.67
N SER A 751 -30.62 20.20 -16.29
CA SER A 751 -30.60 21.08 -17.45
C SER A 751 -30.96 20.32 -18.73
N PRO A 752 -31.19 21.06 -19.84
CA PRO A 752 -31.27 20.48 -21.19
C PRO A 752 -29.89 20.09 -21.74
N LEU B 81 76.91 -41.52 14.91
CA LEU B 81 76.12 -40.37 15.33
C LEU B 81 76.87 -39.52 16.34
N VAL B 82 77.77 -40.15 17.11
CA VAL B 82 78.50 -39.42 18.15
C VAL B 82 79.49 -38.42 17.55
N ASN B 83 80.16 -38.81 16.44
CA ASN B 83 81.15 -37.92 15.84
C ASN B 83 80.47 -36.72 15.19
N PHE B 84 79.29 -36.92 14.62
CA PHE B 84 78.54 -35.81 14.02
C PHE B 84 78.26 -34.73 15.05
N GLN B 85 77.79 -35.13 16.24
CA GLN B 85 77.49 -34.14 17.27
C GLN B 85 78.75 -33.56 17.90
N GLN B 86 79.84 -34.34 17.93
CA GLN B 86 81.10 -33.77 18.40
C GLN B 86 81.55 -32.64 17.48
N PHE B 87 81.47 -32.86 16.16
CA PHE B 87 81.78 -31.79 15.22
C PHE B 87 80.77 -30.66 15.28
N SER B 88 79.52 -30.97 15.64
CA SER B 88 78.50 -29.93 15.75
C SER B 88 78.81 -28.96 16.89
N SER B 89 79.22 -29.49 18.04
CA SER B 89 79.63 -28.59 19.13
C SER B 89 80.94 -27.89 18.81
N GLN B 90 81.92 -28.63 18.25
CA GLN B 90 83.20 -28.02 17.86
C GLN B 90 83.03 -26.94 16.80
N LEU B 91 81.90 -26.93 16.09
CA LEU B 91 81.52 -25.76 15.30
C LEU B 91 80.79 -24.72 16.14
N PRO B 92 79.92 -25.17 17.05
CA PRO B 92 79.17 -24.28 17.95
C PRO B 92 80.08 -23.41 18.81
N PRO B 93 81.38 -23.69 18.83
CA PRO B 93 82.34 -22.82 19.52
C PRO B 93 82.98 -21.78 18.60
N PHE B 94 82.50 -21.65 17.35
CA PHE B 94 83.09 -20.70 16.41
C PHE B 94 82.46 -19.31 16.56
N VAL B 104 68.40 -28.89 24.83
CA VAL B 104 67.99 -28.11 23.68
C VAL B 104 67.51 -29.04 22.56
N GLU B 105 66.37 -28.69 21.96
CA GLU B 105 65.79 -29.47 20.89
C GLU B 105 65.87 -28.77 19.54
N VAL B 106 66.28 -27.51 19.51
CA VAL B 106 66.54 -26.81 18.26
C VAL B 106 68.00 -27.03 17.87
N LEU B 107 68.23 -27.10 16.56
CA LEU B 107 69.49 -27.47 15.92
C LEU B 107 69.72 -28.97 16.05
N GLN B 108 69.04 -29.61 17.01
CA GLN B 108 68.96 -31.07 17.01
C GLN B 108 68.23 -31.54 15.76
N HIS B 109 67.12 -30.87 15.45
CA HIS B 109 66.36 -31.05 14.22
C HIS B 109 67.19 -30.66 12.99
N LEU B 110 68.43 -30.23 13.19
CA LEU B 110 69.33 -30.10 12.04
C LEU B 110 69.71 -31.48 11.52
N SER B 111 69.89 -32.45 12.42
CA SER B 111 70.09 -33.83 12.01
C SER B 111 68.89 -34.33 11.22
N ASP B 112 67.71 -34.27 11.82
CA ASP B 112 66.47 -34.63 11.14
C ASP B 112 65.78 -33.38 10.58
N PRO B 118 71.28 -33.94 5.38
CA PRO B 118 71.33 -33.02 6.53
C PRO B 118 72.73 -32.47 6.78
N SER B 119 73.11 -31.41 6.05
CA SER B 119 74.47 -30.87 6.16
C SER B 119 74.42 -29.35 6.03
N TRP B 120 74.32 -28.68 7.16
CA TRP B 120 74.56 -27.25 7.27
C TRP B 120 76.03 -27.00 7.60
N THR B 121 76.41 -25.72 7.70
CA THR B 121 77.78 -25.37 8.07
C THR B 121 77.77 -24.34 9.20
N VAL B 122 78.93 -23.81 9.57
CA VAL B 122 79.00 -22.78 10.60
C VAL B 122 78.27 -21.53 10.14
N THR B 123 78.80 -20.90 9.08
CA THR B 123 78.24 -19.69 8.51
C THR B 123 76.88 -19.93 7.84
N HIS B 124 76.54 -21.19 7.53
CA HIS B 124 75.26 -21.50 6.92
C HIS B 124 74.14 -21.57 7.94
N LEU B 125 74.25 -22.49 8.91
CA LEU B 125 73.26 -22.66 9.96
C LEU B 125 73.37 -21.58 11.04
N ALA B 126 74.32 -20.66 10.92
CA ALA B 126 74.46 -19.57 11.87
C ALA B 126 73.30 -18.58 11.85
N VAL B 127 72.26 -18.81 11.06
CA VAL B 127 71.07 -17.98 11.07
C VAL B 127 69.94 -18.64 11.85
N GLU B 128 69.83 -19.96 11.76
CA GLU B 128 68.85 -20.72 12.55
C GLU B 128 69.30 -20.83 14.00
N SER B 146 80.45 -16.45 2.34
CA SER B 146 79.79 -16.85 1.11
C SER B 146 79.90 -18.36 0.89
N THR B 147 79.60 -19.14 1.93
CA THR B 147 79.86 -20.58 1.92
C THR B 147 78.76 -21.32 1.14
N GLU B 148 78.74 -22.64 1.24
CA GLU B 148 77.84 -23.46 0.43
C GLU B 148 77.01 -24.47 1.22
N ASN B 149 76.36 -25.38 0.48
CA ASN B 149 75.57 -26.46 1.05
C ASN B 149 75.71 -27.68 0.14
N GLU B 150 75.29 -28.84 0.66
CA GLU B 150 75.26 -30.08 -0.11
C GLU B 150 73.88 -30.38 -0.68
N GLU B 151 72.89 -29.52 -0.41
CA GLU B 151 71.57 -29.61 -1.04
C GLU B 151 71.35 -28.57 -2.13
N GLY B 152 72.28 -27.62 -2.30
CA GLY B 152 72.17 -26.67 -3.39
C GLY B 152 71.79 -25.27 -2.93
N CYS B 153 72.32 -24.84 -1.80
CA CYS B 153 71.83 -23.66 -1.08
C CYS B 153 72.93 -22.62 -0.90
N THR B 154 72.65 -21.62 -0.06
CA THR B 154 73.52 -20.48 0.21
C THR B 154 73.09 -19.86 1.53
N PRO B 155 74.04 -19.39 2.37
CA PRO B 155 73.65 -18.82 3.67
C PRO B 155 72.86 -17.52 3.54
N LEU B 156 73.32 -16.61 2.68
CA LEU B 156 72.61 -15.36 2.46
C LEU B 156 71.18 -15.61 2.02
N HIS B 157 70.96 -16.69 1.26
CA HIS B 157 69.60 -17.04 0.83
C HIS B 157 68.71 -17.40 2.02
N LEU B 158 69.24 -18.14 2.99
CA LEU B 158 68.43 -18.49 4.15
C LEU B 158 68.20 -17.30 5.07
N ALA B 159 69.20 -16.41 5.19
CA ALA B 159 68.99 -15.20 5.98
C ALA B 159 68.09 -14.19 5.27
N CYS B 160 67.90 -14.33 3.96
CA CYS B 160 66.91 -13.54 3.23
C CYS B 160 65.52 -14.14 3.37
N ARG B 161 65.43 -15.47 3.36
CA ARG B 161 64.15 -16.15 3.35
C ARG B 161 63.40 -15.99 4.67
N LYS B 162 64.04 -16.34 5.79
CA LYS B 162 63.43 -16.41 7.13
C LYS B 162 63.00 -15.05 7.69
N GLY B 163 63.05 -13.97 6.90
CA GLY B 163 62.56 -12.69 7.37
C GLY B 163 63.38 -12.04 8.47
N ASP B 164 64.64 -12.43 8.63
CA ASP B 164 65.52 -11.85 9.63
C ASP B 164 66.28 -10.69 8.99
N SER B 165 65.83 -9.46 9.27
CA SER B 165 66.37 -8.30 8.56
C SER B 165 67.67 -7.78 9.19
N GLU B 166 67.74 -7.75 10.53
CA GLU B 166 68.97 -7.31 11.16
C GLU B 166 70.09 -8.33 10.97
N ILE B 167 69.76 -9.62 10.95
CA ILE B 167 70.77 -10.61 10.63
C ILE B 167 71.28 -10.39 9.21
N LEU B 168 70.42 -9.89 8.31
CA LEU B 168 70.87 -9.57 6.96
C LEU B 168 71.81 -8.38 6.97
N VAL B 169 71.49 -7.35 7.76
CA VAL B 169 72.43 -6.26 7.96
C VAL B 169 73.76 -6.78 8.51
N GLU B 170 73.72 -7.83 9.32
CA GLU B 170 74.92 -8.38 9.93
C GLU B 170 75.60 -9.46 9.08
N LEU B 171 75.04 -9.81 7.91
CA LEU B 171 75.70 -10.79 7.05
C LEU B 171 76.39 -10.18 5.83
N VAL B 172 75.93 -9.04 5.33
CA VAL B 172 76.52 -8.40 4.17
C VAL B 172 77.25 -7.11 4.54
N GLN B 173 76.69 -6.33 5.46
CA GLN B 173 77.34 -5.09 5.88
C GLN B 173 78.48 -5.35 6.84
N TYR B 174 78.36 -6.35 7.71
CA TYR B 174 79.47 -6.69 8.61
C TYR B 174 80.46 -7.63 7.96
N CYS B 175 80.02 -8.82 7.55
CA CYS B 175 80.91 -9.79 6.93
C CYS B 175 81.03 -9.55 5.42
N HIS B 176 82.07 -10.14 4.84
CA HIS B 176 82.24 -10.19 3.39
C HIS B 176 81.43 -11.36 2.84
N ALA B 177 80.23 -11.06 2.37
CA ALA B 177 79.37 -12.04 1.72
C ALA B 177 78.74 -11.32 0.54
N GLN B 178 79.20 -11.65 -0.65
CA GLN B 178 78.63 -11.04 -1.85
C GLN B 178 77.15 -11.35 -1.93
N MET B 179 76.39 -10.41 -2.48
CA MET B 179 74.93 -10.49 -2.43
C MET B 179 74.36 -11.35 -3.55
N ASP B 180 74.78 -11.11 -4.78
CA ASP B 180 74.22 -11.80 -5.94
C ASP B 180 74.79 -13.22 -6.01
N VAL B 181 74.34 -14.05 -5.07
CA VAL B 181 74.75 -15.45 -5.04
C VAL B 181 73.67 -16.29 -5.70
N THR B 182 74.07 -17.09 -6.68
CA THR B 182 73.16 -17.98 -7.38
C THR B 182 73.52 -19.41 -7.01
N ASP B 183 72.58 -20.11 -6.38
CA ASP B 183 72.83 -21.50 -5.98
C ASP B 183 72.78 -22.42 -7.19
N ASN B 184 73.00 -23.71 -6.95
CA ASN B 184 73.02 -24.71 -8.01
C ASN B 184 71.62 -25.10 -8.45
N LYS B 185 70.58 -24.54 -7.82
CA LYS B 185 69.20 -24.87 -8.12
C LYS B 185 68.51 -23.80 -8.95
N GLY B 186 69.24 -22.77 -9.37
CA GLY B 186 68.72 -21.75 -10.27
C GLY B 186 68.51 -20.40 -9.61
N GLU B 187 68.13 -20.42 -8.33
CA GLU B 187 67.57 -19.27 -7.64
C GLU B 187 68.63 -18.20 -7.34
N THR B 188 68.15 -16.96 -7.20
CA THR B 188 68.97 -15.81 -6.88
C THR B 188 68.64 -15.34 -5.46
N ALA B 189 69.32 -14.28 -5.03
CA ALA B 189 69.12 -13.77 -3.67
C ALA B 189 67.80 -13.02 -3.55
N PHE B 190 67.34 -12.36 -4.62
CA PHE B 190 66.07 -11.65 -4.58
C PHE B 190 64.89 -12.57 -4.27
N HIS B 191 64.60 -13.51 -5.17
CA HIS B 191 63.39 -14.33 -5.03
C HIS B 191 63.60 -15.58 -4.18
N TYR B 192 64.60 -15.59 -3.30
CA TYR B 192 64.62 -16.50 -2.17
C TYR B 192 63.91 -15.93 -0.94
N ALA B 193 63.63 -14.63 -0.93
CA ALA B 193 62.94 -13.98 0.17
C ALA B 193 61.42 -13.93 -0.02
N VAL B 194 60.94 -13.84 -1.26
CA VAL B 194 59.50 -13.78 -1.50
C VAL B 194 58.78 -15.09 -1.23
N GLN B 195 59.53 -16.19 -1.03
CA GLN B 195 58.91 -17.40 -0.51
C GLN B 195 58.56 -17.24 0.96
N GLY B 196 59.33 -16.42 1.68
CA GLY B 196 59.01 -16.01 3.02
C GLY B 196 58.24 -14.71 3.03
N ASP B 197 58.27 -14.03 4.17
CA ASP B 197 57.44 -12.85 4.38
C ASP B 197 58.25 -11.71 4.99
N ASN B 198 59.42 -11.44 4.42
CA ASN B 198 60.25 -10.34 4.91
C ASN B 198 59.83 -9.00 4.31
N SER B 199 59.99 -8.85 2.99
CA SER B 199 59.61 -7.66 2.21
C SER B 199 60.55 -6.48 2.44
N GLN B 200 61.47 -6.59 3.39
CA GLN B 200 62.52 -5.61 3.64
C GLN B 200 63.89 -6.05 3.16
N VAL B 201 64.16 -7.36 3.23
CA VAL B 201 65.33 -7.94 2.57
C VAL B 201 65.39 -7.50 1.11
N LEU B 202 64.23 -7.41 0.47
CA LEU B 202 64.18 -6.93 -0.90
C LEU B 202 64.71 -5.50 -0.99
N GLN B 203 64.41 -4.68 0.02
CA GLN B 203 64.85 -3.30 0.01
C GLN B 203 66.35 -3.17 0.29
N LEU B 204 66.89 -3.97 1.21
CA LEU B 204 68.34 -3.97 1.45
C LEU B 204 69.13 -4.60 0.32
N LEU B 205 68.53 -5.49 -0.48
CA LEU B 205 69.21 -6.08 -1.62
C LEU B 205 69.09 -5.25 -2.90
N GLY B 206 68.07 -4.42 -3.03
CA GLY B 206 67.98 -3.51 -4.15
C GLY B 206 68.97 -2.37 -4.05
N LYS B 207 70.26 -2.68 -4.14
CA LYS B 207 71.31 -1.68 -3.94
C LYS B 207 72.35 -1.75 -5.05
N ASN B 208 73.47 -1.05 -4.86
CA ASN B 208 74.55 -1.08 -5.83
C ASN B 208 75.21 -2.45 -5.87
N ALA B 209 75.78 -2.79 -7.03
CA ALA B 209 76.53 -4.04 -7.23
C ALA B 209 75.71 -5.27 -6.87
N SER B 210 74.42 -5.25 -7.19
CA SER B 210 73.53 -6.38 -6.92
C SER B 210 72.52 -6.41 -8.06
N ALA B 211 72.81 -7.23 -9.07
CA ALA B 211 71.95 -7.37 -10.25
C ALA B 211 71.38 -8.79 -10.30
N GLY B 212 70.28 -9.00 -9.60
CA GLY B 212 69.58 -10.27 -9.62
C GLY B 212 68.12 -10.05 -9.94
N LEU B 213 67.75 -8.78 -10.16
CA LEU B 213 66.36 -8.44 -10.46
C LEU B 213 65.91 -9.07 -11.77
N ASN B 214 66.69 -8.90 -12.83
CA ASN B 214 66.42 -9.56 -14.10
C ASN B 214 67.18 -10.87 -14.26
N GLN B 215 67.98 -11.25 -13.27
CA GLN B 215 68.62 -12.57 -13.23
C GLN B 215 67.63 -13.59 -12.68
N VAL B 216 67.18 -14.48 -13.55
CA VAL B 216 66.05 -15.34 -13.26
C VAL B 216 66.12 -16.70 -13.97
N ASN B 217 66.30 -17.78 -13.21
CA ASN B 217 66.09 -19.07 -13.87
C ASN B 217 65.58 -20.16 -12.92
N LYS B 218 64.37 -20.01 -12.40
CA LYS B 218 63.71 -21.21 -11.88
C LYS B 218 63.18 -22.04 -13.06
N GLN B 219 62.26 -21.47 -13.82
CA GLN B 219 62.02 -21.89 -15.20
C GLN B 219 62.01 -20.67 -16.10
N GLY B 220 62.75 -19.64 -15.70
CA GLY B 220 62.61 -18.32 -16.26
C GLY B 220 61.37 -17.69 -15.66
N LEU B 221 61.42 -17.33 -14.38
CA LEU B 221 60.28 -16.73 -13.66
C LEU B 221 60.86 -15.66 -12.75
N THR B 222 60.88 -14.41 -13.24
CA THR B 222 61.44 -13.25 -12.55
C THR B 222 60.83 -13.11 -11.16
N PRO B 223 61.51 -12.46 -10.19
CA PRO B 223 60.87 -12.19 -8.88
C PRO B 223 59.42 -11.72 -8.99
N LEU B 224 59.14 -10.86 -9.97
CA LEU B 224 57.76 -10.50 -10.27
C LEU B 224 56.90 -11.75 -10.47
N HIS B 225 57.35 -12.66 -11.34
CA HIS B 225 56.54 -13.82 -11.68
C HIS B 225 56.35 -14.75 -10.48
N LEU B 226 57.39 -14.90 -9.65
CA LEU B 226 57.24 -15.74 -8.47
C LEU B 226 56.25 -15.15 -7.49
N ALA B 227 56.36 -13.84 -7.23
CA ALA B 227 55.40 -13.18 -6.36
C ALA B 227 53.99 -13.25 -6.95
N CYS B 228 53.89 -13.41 -8.27
CA CYS B 228 52.60 -13.60 -8.91
C CYS B 228 52.08 -15.00 -8.70
N GLN B 229 52.98 -15.99 -8.72
CA GLN B 229 52.56 -17.38 -8.55
C GLN B 229 52.07 -17.62 -7.13
N MET B 230 52.77 -17.10 -6.12
CA MET B 230 52.35 -17.37 -4.76
C MET B 230 51.14 -16.54 -4.34
N GLY B 231 51.19 -15.23 -4.57
CA GLY B 231 50.14 -14.34 -4.11
C GLY B 231 50.68 -13.25 -3.21
N LYS B 232 52.00 -13.15 -3.12
CA LYS B 232 52.70 -12.18 -2.28
C LYS B 232 52.69 -10.81 -2.97
N GLN B 233 51.62 -10.05 -2.75
CA GLN B 233 51.40 -8.79 -3.48
C GLN B 233 52.34 -7.68 -3.00
N GLU B 234 52.46 -7.51 -1.68
CA GLU B 234 53.35 -6.50 -1.14
C GLU B 234 54.77 -6.68 -1.66
N MET B 235 55.18 -7.93 -1.89
CA MET B 235 56.48 -8.19 -2.49
C MET B 235 56.54 -7.62 -3.89
N VAL B 236 55.46 -7.79 -4.67
CA VAL B 236 55.39 -7.20 -6.00
C VAL B 236 55.57 -5.69 -5.93
N ARG B 237 54.91 -5.03 -4.98
CA ARG B 237 55.05 -3.58 -4.88
C ARG B 237 56.49 -3.19 -4.54
N VAL B 238 57.08 -3.86 -3.57
CA VAL B 238 58.47 -3.59 -3.19
C VAL B 238 59.39 -3.74 -4.39
N LEU B 239 59.15 -4.75 -5.23
CA LEU B 239 59.95 -4.93 -6.43
C LEU B 239 59.69 -3.82 -7.45
N LEU B 240 58.43 -3.37 -7.55
CA LEU B 240 58.07 -2.39 -8.57
C LEU B 240 58.64 -1.01 -8.27
N LEU B 241 58.72 -0.63 -6.99
CA LEU B 241 59.39 0.63 -6.68
C LEU B 241 60.86 0.60 -7.07
N CYS B 242 61.44 -0.59 -7.23
CA CYS B 242 62.85 -0.73 -7.59
C CYS B 242 63.05 -1.09 -9.06
N ASN B 243 62.10 -0.71 -9.91
CA ASN B 243 62.24 -0.82 -11.38
C ASN B 243 62.62 -2.23 -11.82
N ALA B 244 61.70 -3.16 -11.56
CA ALA B 244 61.92 -4.58 -11.79
C ALA B 244 61.72 -5.01 -13.25
N ARG B 245 61.44 -4.08 -14.16
CA ARG B 245 61.39 -4.37 -15.59
C ARG B 245 60.35 -5.44 -15.93
N CYS B 246 59.08 -5.03 -15.81
CA CYS B 246 58.00 -5.94 -16.22
C CYS B 246 58.06 -6.18 -17.73
N ASN B 247 59.03 -5.57 -18.42
CA ASN B 247 59.28 -5.90 -19.82
C ASN B 247 60.35 -6.99 -19.93
N VAL B 248 60.16 -8.05 -19.16
CA VAL B 248 61.06 -9.20 -19.13
C VAL B 248 60.22 -10.40 -19.53
N MET B 249 60.35 -10.81 -20.78
CA MET B 249 59.56 -11.91 -21.33
C MET B 249 59.82 -13.20 -20.56
N GLY B 250 58.75 -13.88 -20.15
CA GLY B 250 58.90 -15.13 -19.44
C GLY B 250 58.47 -16.35 -20.22
N PRO B 251 58.23 -17.45 -19.51
CA PRO B 251 57.90 -18.74 -20.16
C PRO B 251 56.55 -18.74 -20.83
N SER B 252 55.52 -18.32 -20.09
CA SER B 252 54.17 -18.23 -20.60
C SER B 252 53.88 -16.84 -21.12
N GLY B 253 54.64 -15.86 -20.66
CA GLY B 253 54.52 -14.50 -21.16
C GLY B 253 55.20 -13.56 -20.19
N PHE B 254 54.79 -12.30 -20.29
CA PHE B 254 55.34 -11.23 -19.45
C PHE B 254 54.77 -11.43 -18.04
N PRO B 255 55.29 -10.70 -17.03
CA PRO B 255 54.85 -11.00 -15.65
C PRO B 255 53.37 -10.76 -15.41
N ILE B 256 52.77 -9.81 -16.13
CA ILE B 256 51.36 -9.54 -15.95
C ILE B 256 50.53 -10.76 -16.36
N HIS B 257 50.94 -11.44 -17.44
CA HIS B 257 50.25 -12.67 -17.83
C HIS B 257 50.46 -13.78 -16.83
N THR B 258 51.60 -13.78 -16.13
CA THR B 258 51.85 -14.82 -15.12
C THR B 258 50.94 -14.65 -13.91
N ALA B 259 50.65 -13.39 -13.54
CA ALA B 259 49.70 -13.17 -12.45
C ALA B 259 48.33 -13.76 -12.78
N MET B 260 47.96 -13.75 -14.04
CA MET B 260 46.62 -14.12 -14.48
C MET B 260 46.50 -15.57 -14.90
N LYS B 261 47.61 -16.23 -15.25
CA LYS B 261 47.61 -17.67 -15.48
C LYS B 261 47.19 -18.42 -14.22
N PHE B 262 47.43 -17.83 -13.04
CA PHE B 262 47.13 -18.46 -11.77
C PHE B 262 45.99 -17.78 -11.02
N SER B 263 45.43 -16.68 -11.56
CA SER B 263 44.29 -15.99 -10.97
C SER B 263 44.60 -15.51 -9.55
N GLN B 264 45.73 -14.82 -9.40
CA GLN B 264 46.08 -14.13 -8.17
C GLN B 264 45.63 -12.68 -8.31
N LYS B 265 44.55 -12.35 -7.61
CA LYS B 265 43.86 -11.07 -7.79
C LYS B 265 44.69 -9.90 -7.28
N GLY B 266 45.10 -9.97 -6.01
CA GLY B 266 45.84 -8.87 -5.40
C GLY B 266 47.11 -8.51 -6.15
N CYS B 267 47.88 -9.53 -6.53
CA CYS B 267 49.15 -9.28 -7.20
C CYS B 267 48.95 -8.58 -8.54
N ALA B 268 48.03 -9.11 -9.36
CA ALA B 268 47.75 -8.48 -10.64
C ALA B 268 47.27 -7.05 -10.45
N GLU B 269 46.42 -6.82 -9.46
CA GLU B 269 45.94 -5.46 -9.20
C GLU B 269 47.09 -4.53 -8.85
N MET B 270 48.04 -5.00 -8.03
CA MET B 270 49.18 -4.16 -7.68
C MET B 270 50.04 -3.87 -8.89
N ILE B 271 50.26 -4.88 -9.74
CA ILE B 271 51.06 -4.67 -10.95
C ILE B 271 50.44 -3.60 -11.82
N ILE B 272 49.14 -3.72 -12.10
CA ILE B 272 48.53 -2.74 -13.00
C ILE B 272 48.43 -1.37 -12.34
N SER B 273 48.30 -1.32 -11.02
CA SER B 273 48.25 -0.03 -10.34
C SER B 273 49.58 0.71 -10.46
N MET B 274 50.69 0.01 -10.19
CA MET B 274 51.99 0.66 -10.32
C MET B 274 52.28 1.06 -11.77
N ASP B 275 51.99 0.17 -12.72
CA ASP B 275 52.30 0.39 -14.13
C ASP B 275 51.01 0.35 -14.95
N SER B 276 50.59 1.51 -15.45
CA SER B 276 49.50 1.54 -16.44
C SER B 276 49.89 0.85 -17.73
N SER B 277 51.14 1.04 -18.19
CA SER B 277 51.60 0.51 -19.47
C SER B 277 51.35 -0.98 -19.64
N GLN B 278 51.08 -1.69 -18.54
CA GLN B 278 50.87 -3.14 -18.60
C GLN B 278 49.54 -3.52 -19.26
N ILE B 279 48.66 -2.54 -19.54
CA ILE B 279 47.49 -2.86 -20.36
C ILE B 279 47.86 -3.04 -21.82
N HIS B 280 49.13 -2.79 -22.17
CA HIS B 280 49.63 -2.89 -23.53
C HIS B 280 50.20 -4.27 -23.89
N SER B 281 50.89 -4.91 -22.96
CA SER B 281 51.78 -6.03 -23.29
C SER B 281 51.01 -7.19 -23.93
N LYS B 282 51.64 -7.82 -24.92
CA LYS B 282 51.04 -8.93 -25.64
C LYS B 282 51.76 -10.24 -25.31
N ASP B 283 50.98 -11.29 -25.13
CA ASP B 283 51.50 -12.64 -24.89
C ASP B 283 52.41 -13.06 -26.03
N PRO B 284 53.68 -13.37 -25.77
CA PRO B 284 54.61 -13.71 -26.87
C PRO B 284 54.16 -14.86 -27.75
N ARG B 285 53.54 -15.89 -27.19
CA ARG B 285 53.11 -17.04 -28.00
C ARG B 285 52.05 -16.62 -29.02
N TYR B 286 50.93 -16.10 -28.55
CA TYR B 286 49.88 -15.54 -29.38
C TYR B 286 49.80 -14.07 -29.01
N GLY B 287 50.08 -13.17 -29.95
CA GLY B 287 49.93 -11.75 -29.68
C GLY B 287 48.59 -11.50 -29.04
N ALA B 288 48.56 -11.13 -27.76
CA ALA B 288 47.34 -11.22 -26.95
C ALA B 288 47.25 -10.02 -26.02
N SER B 289 46.06 -9.72 -25.58
CA SER B 289 45.95 -8.80 -24.45
C SER B 289 46.00 -9.53 -23.12
N PRO B 290 46.28 -8.79 -22.02
CA PRO B 290 46.17 -9.40 -20.68
C PRO B 290 44.84 -10.10 -20.42
N LEU B 291 43.73 -9.55 -20.92
CA LEU B 291 42.44 -10.22 -20.79
C LEU B 291 42.42 -11.54 -21.55
N HIS B 292 42.85 -11.53 -22.82
CA HIS B 292 42.58 -12.62 -23.75
C HIS B 292 42.86 -14.00 -23.15
N TRP B 293 44.12 -14.27 -22.83
CA TRP B 293 44.53 -15.56 -22.29
C TRP B 293 44.58 -15.54 -20.77
N ALA B 294 43.58 -14.92 -20.17
CA ALA B 294 43.48 -14.85 -18.71
C ALA B 294 42.03 -14.58 -18.35
N LYS B 295 41.33 -15.58 -17.84
CA LYS B 295 39.89 -15.50 -17.68
C LYS B 295 39.47 -15.95 -16.29
N ASN B 296 38.75 -15.06 -15.60
CA ASN B 296 38.01 -15.31 -14.38
C ASN B 296 36.96 -14.21 -14.31
N ALA B 297 35.74 -14.59 -13.91
CA ALA B 297 34.62 -13.66 -13.87
C ALA B 297 35.03 -12.31 -13.27
N GLU B 298 35.63 -12.33 -12.08
CA GLU B 298 35.98 -11.08 -11.41
C GLU B 298 37.17 -10.38 -12.07
N MET B 299 38.15 -11.15 -12.58
CA MET B 299 39.36 -10.54 -13.11
C MET B 299 39.11 -9.80 -14.41
N ALA B 300 38.23 -10.35 -15.25
CA ALA B 300 37.82 -9.64 -16.46
C ALA B 300 37.35 -8.24 -16.12
N ARG B 301 36.59 -8.10 -15.03
CA ARG B 301 36.10 -6.80 -14.60
C ARG B 301 37.22 -5.95 -14.01
N MET B 302 38.03 -6.55 -13.13
CA MET B 302 39.07 -5.79 -12.44
C MET B 302 40.16 -5.30 -13.39
N LEU B 303 40.18 -5.80 -14.62
CA LEU B 303 41.01 -5.19 -15.66
C LEU B 303 40.20 -4.32 -16.62
N LEU B 304 38.93 -4.64 -16.84
CA LEU B 304 38.13 -3.93 -17.82
C LEU B 304 37.73 -2.54 -17.33
N LYS B 305 37.42 -2.42 -16.04
CA LYS B 305 37.12 -1.13 -15.43
C LYS B 305 38.28 -0.15 -15.57
N ARG B 306 39.50 -0.64 -15.86
CA ARG B 306 40.70 0.18 -15.93
C ARG B 306 40.84 0.98 -17.24
N GLY B 307 39.88 0.92 -18.16
CA GLY B 307 40.05 1.54 -19.45
C GLY B 307 40.60 0.62 -20.51
N CYS B 308 40.44 -0.70 -20.32
CA CYS B 308 40.98 -1.70 -21.22
C CYS B 308 40.21 -1.82 -22.51
N ASP B 309 40.92 -1.79 -23.64
CA ASP B 309 40.29 -2.03 -24.92
C ASP B 309 39.99 -3.52 -25.07
N VAL B 310 38.74 -3.85 -25.40
CA VAL B 310 38.41 -5.26 -25.62
C VAL B 310 38.66 -5.69 -27.05
N ASP B 311 38.60 -4.77 -28.00
CA ASP B 311 38.85 -5.06 -29.41
C ASP B 311 40.33 -5.17 -29.78
N SER B 312 41.26 -4.97 -28.83
CA SER B 312 42.63 -5.37 -29.10
C SER B 312 42.60 -6.80 -29.61
N THR B 313 43.18 -7.04 -30.79
CA THR B 313 42.80 -8.32 -31.39
C THR B 313 43.59 -9.56 -31.00
N SER B 314 44.69 -9.84 -31.68
CA SER B 314 45.43 -11.09 -31.46
C SER B 314 46.59 -11.25 -32.43
N ALA B 315 47.30 -12.37 -32.32
CA ALA B 315 48.11 -12.87 -33.42
C ALA B 315 47.23 -13.23 -34.61
N ALA B 316 46.36 -14.23 -34.45
CA ALA B 316 45.51 -14.68 -35.55
C ALA B 316 44.38 -13.69 -35.81
N GLY B 317 43.85 -13.08 -34.75
CA GLY B 317 42.74 -12.16 -34.88
C GLY B 317 41.57 -12.41 -33.95
N ASN B 318 41.77 -13.21 -32.90
CA ASN B 318 40.69 -13.63 -32.01
C ASN B 318 40.48 -12.59 -30.91
N THR B 319 39.22 -12.22 -30.68
CA THR B 319 38.89 -11.32 -29.59
C THR B 319 38.90 -12.06 -28.25
N ALA B 320 38.73 -11.28 -27.17
CA ALA B 320 38.68 -11.86 -25.83
C ALA B 320 37.41 -12.69 -25.61
N LEU B 321 36.28 -12.17 -26.07
CA LEU B 321 35.04 -12.92 -25.92
C LEU B 321 35.07 -14.19 -26.77
N HIS B 322 35.87 -14.20 -27.84
CA HIS B 322 36.14 -15.44 -28.55
C HIS B 322 36.77 -16.47 -27.63
N VAL B 323 37.75 -16.04 -26.84
CA VAL B 323 38.43 -16.94 -25.90
C VAL B 323 37.45 -17.42 -24.83
N ALA B 324 36.62 -16.51 -24.32
CA ALA B 324 35.66 -16.90 -23.29
C ALA B 324 34.62 -17.88 -23.81
N VAL B 325 34.22 -17.72 -25.08
CA VAL B 325 33.21 -18.59 -25.66
C VAL B 325 33.80 -19.96 -25.96
N MET B 326 34.99 -19.97 -26.57
CA MET B 326 35.62 -21.24 -26.95
C MET B 326 35.84 -22.14 -25.74
N ARG B 327 36.15 -21.56 -24.59
CA ARG B 327 36.37 -22.28 -23.35
C ARG B 327 35.08 -22.55 -22.56
N ASN B 328 33.95 -21.99 -23.00
CA ASN B 328 32.64 -22.23 -22.38
C ASN B 328 32.54 -21.57 -21.01
N ARG B 329 33.03 -20.33 -20.91
CA ARG B 329 32.87 -19.51 -19.71
C ARG B 329 31.91 -18.35 -20.00
N PHE B 330 30.61 -18.60 -19.79
CA PHE B 330 29.57 -17.60 -20.02
C PHE B 330 29.83 -16.32 -19.25
N ASP B 331 30.42 -16.45 -18.06
CA ASP B 331 30.72 -15.31 -17.20
C ASP B 331 31.44 -14.20 -17.97
N CYS B 332 32.54 -14.55 -18.63
CA CYS B 332 33.37 -13.54 -19.26
C CYS B 332 32.79 -13.07 -20.60
N VAL B 333 32.04 -13.92 -21.29
CA VAL B 333 31.25 -13.46 -22.43
C VAL B 333 30.39 -12.28 -22.00
N MET B 334 29.67 -12.45 -20.88
CA MET B 334 28.82 -11.37 -20.38
C MET B 334 29.65 -10.16 -19.95
N VAL B 335 30.73 -10.40 -19.20
CA VAL B 335 31.54 -9.28 -18.71
C VAL B 335 32.07 -8.46 -19.88
N LEU B 336 32.30 -9.09 -21.03
CA LEU B 336 32.80 -8.35 -22.18
C LEU B 336 31.69 -7.65 -22.95
N LEU B 337 30.62 -8.38 -23.31
CA LEU B 337 29.51 -7.74 -24.00
C LEU B 337 29.00 -6.52 -23.24
N THR B 338 28.96 -6.63 -21.91
CA THR B 338 28.54 -5.50 -21.08
C THR B 338 29.47 -4.31 -21.26
N TYR B 339 30.78 -4.55 -21.20
CA TYR B 339 31.75 -3.47 -21.23
C TYR B 339 32.10 -3.02 -22.64
N GLY B 340 31.31 -3.42 -23.64
CA GLY B 340 31.44 -2.88 -24.97
C GLY B 340 31.96 -3.82 -26.02
N ALA B 341 32.21 -5.09 -25.69
CA ALA B 341 32.67 -6.03 -26.69
C ALA B 341 31.66 -6.15 -27.82
N ASN B 342 32.17 -6.29 -29.04
CA ASN B 342 31.33 -6.28 -30.23
C ASN B 342 31.26 -7.69 -30.81
N ALA B 343 30.11 -8.34 -30.66
CA ALA B 343 29.87 -9.61 -31.31
C ALA B 343 29.76 -9.42 -32.82
N GLY B 344 30.11 -10.45 -33.56
CA GLY B 344 30.24 -10.34 -35.00
C GLY B 344 31.66 -10.11 -35.49
N THR B 345 32.63 -10.14 -34.60
CA THR B 345 34.04 -10.03 -34.96
C THR B 345 34.53 -11.26 -35.73
N PRO B 346 35.05 -11.11 -36.94
CA PRO B 346 35.40 -12.30 -37.74
C PRO B 346 36.45 -13.22 -37.12
N GLY B 347 37.57 -12.69 -36.66
CA GLY B 347 38.54 -13.52 -35.95
C GLY B 347 39.47 -14.38 -36.79
N GLU B 348 39.78 -15.58 -36.31
CA GLU B 348 40.76 -16.44 -36.97
C GLU B 348 40.29 -16.91 -38.33
N HIS B 349 39.22 -17.71 -38.36
CA HIS B 349 38.73 -18.31 -39.59
C HIS B 349 37.49 -17.60 -40.12
N GLY B 350 37.33 -16.32 -39.79
CA GLY B 350 36.06 -15.66 -40.00
C GLY B 350 34.95 -16.19 -39.14
N ASN B 351 35.27 -17.01 -38.14
CA ASN B 351 34.26 -17.56 -37.24
C ASN B 351 33.93 -16.49 -36.22
N THR B 352 32.86 -15.74 -36.52
CA THR B 352 32.30 -14.80 -35.56
C THR B 352 31.96 -15.52 -34.26
N PRO B 353 31.95 -14.80 -33.13
CA PRO B 353 31.68 -15.46 -31.84
C PRO B 353 30.42 -16.30 -31.85
N LEU B 354 29.55 -16.06 -32.83
CA LEU B 354 28.34 -16.84 -32.97
C LEU B 354 28.63 -18.26 -33.43
N HIS B 355 29.47 -18.42 -34.46
CA HIS B 355 29.89 -19.75 -34.88
C HIS B 355 30.50 -20.52 -33.72
N LEU B 356 31.30 -19.85 -32.90
CA LEU B 356 32.01 -20.51 -31.81
C LEU B 356 31.09 -20.92 -30.67
N ALA B 357 29.88 -20.38 -30.61
CA ALA B 357 28.94 -20.84 -29.60
C ALA B 357 28.12 -22.02 -30.11
N ILE B 358 27.75 -22.00 -31.39
CA ILE B 358 26.96 -23.09 -31.95
C ILE B 358 27.80 -24.37 -32.01
N SER B 359 29.12 -24.24 -32.14
CA SER B 359 29.98 -25.42 -32.06
C SER B 359 29.92 -26.07 -30.68
N LYS B 360 29.40 -25.36 -29.68
CA LYS B 360 29.07 -25.93 -28.38
C LYS B 360 27.60 -26.35 -28.38
N ASP B 361 27.06 -26.62 -27.20
CA ASP B 361 25.62 -26.79 -26.99
C ASP B 361 25.14 -25.81 -25.93
N ASN B 362 25.61 -24.56 -26.01
CA ASN B 362 25.32 -23.55 -25.02
C ASN B 362 24.32 -22.55 -25.58
N MET B 363 23.02 -22.84 -25.39
CA MET B 363 21.99 -21.94 -25.88
C MET B 363 21.99 -20.62 -25.12
N GLU B 364 22.34 -20.64 -23.83
CA GLU B 364 22.48 -19.40 -23.07
C GLU B 364 23.40 -18.43 -23.78
N MET B 365 24.57 -18.91 -24.24
CA MET B 365 25.54 -18.04 -24.87
C MET B 365 25.08 -17.60 -26.26
N ILE B 366 24.43 -18.50 -27.00
CA ILE B 366 23.94 -18.15 -28.33
C ILE B 366 22.92 -17.03 -28.24
N LYS B 367 21.94 -17.17 -27.34
CA LYS B 367 20.97 -16.11 -27.13
C LYS B 367 21.64 -14.84 -26.60
N ALA B 368 22.62 -14.99 -25.70
CA ALA B 368 23.32 -13.82 -25.17
C ALA B 368 23.97 -13.01 -26.30
N LEU B 369 24.54 -13.70 -27.29
CA LEU B 369 25.20 -12.99 -28.38
C LEU B 369 24.18 -12.43 -29.36
N ILE B 370 23.11 -13.18 -29.64
CA ILE B 370 22.08 -12.70 -30.56
C ILE B 370 21.40 -11.45 -30.00
N VAL B 371 21.24 -11.38 -28.67
CA VAL B 371 20.65 -10.19 -28.07
C VAL B 371 21.57 -8.98 -28.31
N PHE B 372 22.86 -9.16 -28.05
CA PHE B 372 23.82 -8.06 -28.15
C PHE B 372 24.29 -7.79 -29.58
N GLY B 373 23.59 -8.31 -30.60
CA GLY B 373 23.73 -7.79 -31.95
C GLY B 373 24.38 -8.68 -32.99
N ALA B 374 24.68 -9.95 -32.68
CA ALA B 374 25.30 -10.81 -33.68
C ALA B 374 24.32 -11.17 -34.79
N GLU B 375 24.79 -11.10 -36.04
CA GLU B 375 24.01 -11.52 -37.18
C GLU B 375 24.02 -13.05 -37.27
N VAL B 376 23.11 -13.61 -38.07
CA VAL B 376 23.01 -15.07 -38.19
C VAL B 376 23.20 -15.57 -39.60
N ASP B 377 23.36 -14.69 -40.60
CA ASP B 377 23.72 -15.13 -41.94
C ASP B 377 25.17 -14.84 -42.31
N THR B 378 25.91 -14.09 -41.48
CA THR B 378 27.29 -13.70 -41.75
C THR B 378 28.18 -14.93 -41.87
N PRO B 379 28.70 -15.24 -43.05
CA PRO B 379 29.52 -16.43 -43.24
C PRO B 379 30.99 -16.21 -42.91
N ASN B 380 31.62 -17.29 -42.47
CA ASN B 380 33.04 -17.27 -42.14
C ASN B 380 33.88 -17.32 -43.41
N ASP B 381 35.20 -17.52 -43.25
CA ASP B 381 36.08 -17.57 -44.41
C ASP B 381 35.72 -18.74 -45.32
N PHE B 382 35.11 -19.79 -44.77
CA PHE B 382 34.75 -20.97 -45.55
C PHE B 382 33.36 -20.88 -46.15
N GLY B 383 32.60 -19.84 -45.81
CA GLY B 383 31.23 -19.68 -46.27
C GLY B 383 30.17 -20.22 -45.35
N GLU B 384 30.54 -20.75 -44.18
CA GLU B 384 29.60 -21.43 -43.30
C GLU B 384 28.80 -20.39 -42.53
N THR B 385 27.56 -20.19 -42.92
CA THR B 385 26.66 -19.32 -42.17
C THR B 385 26.33 -19.93 -40.82
N PRO B 386 26.17 -19.13 -39.77
CA PRO B 386 25.89 -19.71 -38.45
C PRO B 386 24.53 -20.39 -38.34
N ALA B 387 23.52 -19.92 -39.09
CA ALA B 387 22.26 -20.66 -39.10
C ALA B 387 22.42 -22.04 -39.70
N PHE B 388 23.33 -22.17 -40.66
CA PHE B 388 23.70 -23.48 -41.20
C PHE B 388 24.30 -24.36 -40.09
N MET B 389 25.22 -23.79 -39.31
CA MET B 389 25.75 -24.45 -38.12
C MET B 389 24.63 -24.95 -37.23
N ALA B 390 23.67 -24.07 -36.94
CA ALA B 390 22.55 -24.43 -36.07
C ALA B 390 21.79 -25.63 -36.62
N SER B 391 21.28 -25.51 -37.85
CA SER B 391 20.52 -26.61 -38.42
C SER B 391 21.33 -27.89 -38.50
N LYS B 392 22.67 -27.81 -38.50
CA LYS B 392 23.48 -29.03 -38.40
C LYS B 392 23.44 -29.60 -36.99
N ILE B 393 23.61 -28.75 -35.97
CA ILE B 393 23.81 -29.27 -34.61
C ILE B 393 22.51 -29.85 -34.05
N SER B 394 21.49 -29.02 -33.91
CA SER B 394 20.24 -29.44 -33.28
C SER B 394 19.07 -28.84 -34.03
N LYS B 395 17.87 -29.26 -33.65
CA LYS B 395 16.66 -28.58 -34.09
C LYS B 395 16.20 -27.53 -33.09
N GLN B 396 16.73 -27.58 -31.86
CA GLN B 396 16.65 -26.46 -30.94
C GLN B 396 17.11 -25.17 -31.61
N LEU B 397 18.34 -25.16 -32.10
CA LEU B 397 18.92 -23.93 -32.60
C LEU B 397 18.30 -23.48 -33.92
N GLN B 398 17.89 -24.42 -34.77
CA GLN B 398 17.24 -24.00 -36.01
C GLN B 398 15.91 -23.32 -35.71
N ASP B 399 15.15 -23.84 -34.73
CA ASP B 399 13.96 -23.14 -34.28
C ASP B 399 14.32 -21.84 -33.56
N LEU B 400 15.56 -21.73 -33.09
CA LEU B 400 16.00 -20.61 -32.27
C LEU B 400 16.29 -19.37 -33.10
N MET B 401 16.68 -19.53 -34.36
CA MET B 401 17.31 -18.41 -35.04
C MET B 401 16.57 -17.76 -36.21
N PRO B 402 15.24 -17.55 -36.19
CA PRO B 402 14.66 -16.69 -37.23
C PRO B 402 14.61 -15.21 -36.88
N ILE B 403 15.63 -14.70 -36.19
CA ILE B 403 15.64 -13.29 -35.81
C ILE B 403 16.28 -12.46 -36.92
N SER B 404 15.71 -11.28 -37.17
CA SER B 404 16.13 -10.41 -38.27
C SER B 404 17.62 -10.02 -38.27
N PRO B 409 9.79 -3.71 -49.26
CA PRO B 409 10.01 -2.99 -48.00
C PRO B 409 10.32 -1.52 -48.24
N ALA B 410 9.29 -0.69 -48.16
CA ALA B 410 9.43 0.77 -48.30
C ALA B 410 9.87 1.31 -46.95
N PHE B 411 11.17 1.60 -46.83
CA PHE B 411 11.78 2.06 -45.60
C PHE B 411 12.52 3.37 -45.83
N ILE B 412 11.84 4.32 -46.46
CA ILE B 412 12.40 5.65 -46.72
C ILE B 412 12.17 6.63 -45.59
N LEU B 413 11.41 6.27 -44.55
CA LEU B 413 11.17 7.12 -43.37
C LEU B 413 10.58 8.47 -43.78
N SER B 414 9.33 8.39 -44.24
CA SER B 414 8.72 9.40 -45.11
C SER B 414 8.90 10.86 -44.69
N SER B 415 8.32 11.28 -43.56
CA SER B 415 8.17 12.72 -43.31
C SER B 415 8.42 13.08 -41.84
N MET B 416 9.53 12.62 -41.26
CA MET B 416 9.76 12.87 -39.84
C MET B 416 11.20 13.26 -39.56
N ARG B 417 11.35 14.26 -38.70
CA ARG B 417 12.62 14.70 -38.11
C ARG B 417 12.28 15.24 -36.71
N ASP B 418 13.18 16.04 -36.14
CA ASP B 418 12.88 16.77 -34.91
C ASP B 418 12.64 18.23 -35.31
N GLU B 419 11.38 18.57 -35.60
CA GLU B 419 11.02 19.90 -36.08
C GLU B 419 9.74 20.36 -35.39
N LYS B 420 9.22 21.51 -35.81
CA LYS B 420 8.02 22.12 -35.24
C LYS B 420 6.86 21.98 -36.22
N ARG B 421 6.01 20.97 -36.00
CA ARG B 421 4.80 20.73 -36.80
C ARG B 421 3.73 20.12 -35.90
N ILE B 422 2.70 19.51 -36.50
CA ILE B 422 1.36 19.41 -35.92
C ILE B 422 1.27 18.64 -34.60
N HIS B 423 1.55 17.35 -34.63
CA HIS B 423 1.13 16.45 -33.57
C HIS B 423 2.21 16.30 -32.50
N ASP B 424 2.03 15.32 -31.63
CA ASP B 424 2.82 15.20 -30.42
C ASP B 424 2.95 13.72 -30.11
N HIS B 425 4.17 13.25 -29.88
CA HIS B 425 4.37 11.86 -29.53
C HIS B 425 4.82 11.77 -28.08
N LEU B 426 4.28 10.78 -27.37
CA LEU B 426 4.60 10.58 -25.96
C LEU B 426 5.23 9.22 -25.78
N LEU B 427 6.17 9.13 -24.86
CA LEU B 427 6.78 7.87 -24.44
C LEU B 427 6.61 7.73 -22.94
N CYS B 428 6.25 6.53 -22.49
CA CYS B 428 5.97 6.29 -21.08
C CYS B 428 6.72 5.05 -20.61
N LEU B 429 7.84 5.27 -19.95
CA LEU B 429 8.72 4.23 -19.44
C LEU B 429 8.38 3.98 -17.97
N ASP B 430 7.74 2.83 -17.71
CA ASP B 430 7.41 2.46 -16.35
C ASP B 430 8.66 2.41 -15.47
N GLY B 431 8.43 2.45 -14.16
CA GLY B 431 9.47 2.09 -13.22
C GLY B 431 9.74 0.60 -13.29
N GLY B 432 10.33 0.05 -12.24
CA GLY B 432 10.69 -1.35 -12.27
C GLY B 432 12.10 -1.56 -11.75
N GLY B 433 12.57 -2.79 -11.77
CA GLY B 433 13.89 -3.10 -11.26
C GLY B 433 15.00 -2.88 -12.25
N VAL B 434 16.05 -3.69 -12.10
CA VAL B 434 17.01 -3.87 -13.16
C VAL B 434 16.32 -4.37 -14.42
N LYS B 435 15.08 -4.86 -14.28
CA LYS B 435 14.22 -5.25 -15.38
C LYS B 435 14.02 -4.13 -16.39
N GLY B 436 14.40 -2.90 -16.05
CA GLY B 436 14.33 -1.81 -17.01
C GLY B 436 14.96 -2.16 -18.35
N LEU B 437 15.96 -3.04 -18.34
CA LEU B 437 16.61 -3.45 -19.58
C LEU B 437 15.61 -3.91 -20.62
N VAL B 438 14.54 -4.57 -20.19
CA VAL B 438 13.47 -4.97 -21.11
C VAL B 438 13.07 -3.81 -22.00
N ILE B 439 12.68 -2.69 -21.39
CA ILE B 439 12.19 -1.57 -22.18
C ILE B 439 13.30 -1.06 -23.10
N ILE B 440 14.55 -1.04 -22.61
CA ILE B 440 15.68 -0.69 -23.47
C ILE B 440 15.63 -1.53 -24.73
N GLN B 441 15.63 -2.85 -24.56
CA GLN B 441 15.53 -3.75 -25.71
C GLN B 441 14.36 -3.35 -26.59
N LEU B 442 13.17 -3.20 -26.00
CA LEU B 442 12.00 -2.80 -26.78
C LEU B 442 12.33 -1.53 -27.55
N LEU B 443 12.76 -0.50 -26.84
CA LEU B 443 13.12 0.76 -27.47
C LEU B 443 14.08 0.53 -28.62
N ILE B 444 15.12 -0.28 -28.39
CA ILE B 444 16.13 -0.51 -29.41
C ILE B 444 15.49 -1.08 -30.66
N ALA B 445 14.65 -2.10 -30.51
CA ALA B 445 14.02 -2.70 -31.68
C ALA B 445 13.03 -1.75 -32.34
N ILE B 446 12.51 -0.77 -31.60
CA ILE B 446 11.77 0.31 -32.23
C ILE B 446 12.74 1.26 -32.90
N GLU B 447 13.79 1.65 -32.17
CA GLU B 447 14.79 2.60 -32.66
C GLU B 447 15.37 2.13 -33.98
N LYS B 448 15.75 0.86 -34.06
CA LYS B 448 16.27 0.31 -35.31
C LYS B 448 15.18 0.03 -36.34
N ALA B 449 13.95 -0.26 -35.92
CA ALA B 449 12.90 -0.54 -36.90
C ALA B 449 12.45 0.71 -37.62
N SER B 450 12.79 1.88 -37.09
CA SER B 450 12.62 3.15 -37.78
C SER B 450 13.97 3.78 -38.14
N GLY B 451 15.04 3.36 -37.48
CA GLY B 451 16.38 3.86 -37.73
C GLY B 451 16.63 5.27 -37.24
N VAL B 452 15.68 5.88 -36.55
CA VAL B 452 15.73 7.32 -36.33
C VAL B 452 15.83 7.69 -34.85
N ALA B 453 16.57 6.89 -34.07
CA ALA B 453 17.18 7.43 -32.85
C ALA B 453 16.19 7.97 -31.82
N THR B 454 15.60 7.08 -31.01
CA THR B 454 14.44 7.35 -30.15
C THR B 454 14.31 8.78 -29.64
N LYS B 455 15.39 9.37 -29.12
CA LYS B 455 15.31 10.72 -28.59
C LYS B 455 14.72 11.71 -29.60
N ASP B 456 15.14 11.62 -30.86
CA ASP B 456 14.66 12.53 -31.89
C ASP B 456 13.30 12.13 -32.44
N LEU B 457 12.69 11.08 -31.89
CA LEU B 457 11.43 10.52 -32.36
C LEU B 457 10.22 10.99 -31.56
N PHE B 458 10.37 11.18 -30.26
CA PHE B 458 9.26 11.52 -29.35
C PHE B 458 9.38 12.95 -28.86
N ASP B 459 8.24 13.63 -28.70
CA ASP B 459 8.25 15.01 -28.24
C ASP B 459 8.14 15.11 -26.71
N TRP B 460 7.48 14.14 -26.06
CA TRP B 460 7.34 14.07 -24.61
C TRP B 460 7.83 12.71 -24.13
N VAL B 461 8.51 12.68 -22.98
CA VAL B 461 9.02 11.42 -22.43
C VAL B 461 8.89 11.43 -20.91
N ALA B 462 8.25 10.39 -20.35
CA ALA B 462 7.97 10.29 -18.92
C ALA B 462 8.46 8.95 -18.39
N GLY B 463 8.97 8.95 -17.16
CA GLY B 463 9.47 7.72 -16.55
C GLY B 463 9.32 7.74 -15.05
N THR B 464 9.23 6.55 -14.43
CA THR B 464 9.03 6.50 -12.98
C THR B 464 10.29 6.16 -12.18
N SER B 465 10.83 4.94 -12.32
CA SER B 465 11.97 4.56 -11.49
C SER B 465 13.19 4.19 -12.32
N THR B 466 13.18 3.06 -13.00
CA THR B 466 14.31 2.74 -13.86
C THR B 466 14.10 3.41 -15.20
N GLY B 467 12.85 3.41 -15.67
CA GLY B 467 12.46 4.29 -16.74
C GLY B 467 12.72 5.75 -16.43
N GLY B 468 12.82 6.11 -15.15
CA GLY B 468 13.25 7.45 -14.80
C GLY B 468 14.67 7.73 -15.26
N ILE B 469 15.60 6.88 -14.79
CA ILE B 469 16.99 6.94 -15.23
C ILE B 469 17.07 6.93 -16.76
N LEU B 470 16.33 6.01 -17.39
CA LEU B 470 16.47 5.82 -18.83
C LEU B 470 15.92 7.02 -19.63
N ALA B 471 14.73 7.50 -19.27
CA ALA B 471 14.16 8.67 -19.92
C ALA B 471 15.08 9.88 -19.75
N LEU B 472 15.52 10.12 -18.51
CA LEU B 472 16.47 11.19 -18.26
C LEU B 472 17.72 11.03 -19.09
N ALA B 473 18.10 9.79 -19.41
CA ALA B 473 19.27 9.56 -20.25
C ALA B 473 18.99 9.91 -21.70
N ILE B 474 17.93 9.36 -22.29
CA ILE B 474 17.60 9.65 -23.68
C ILE B 474 17.25 11.11 -23.90
N LEU B 475 17.10 11.89 -22.82
CA LEU B 475 17.07 13.34 -22.96
C LEU B 475 18.45 13.91 -23.29
N HIS B 476 19.48 13.43 -22.58
CA HIS B 476 20.86 13.90 -22.71
C HIS B 476 21.61 13.32 -23.91
N SER B 477 20.89 12.77 -24.89
CA SER B 477 21.50 12.28 -26.13
C SER B 477 22.45 11.11 -25.88
N LYS B 478 22.07 10.23 -24.96
CA LYS B 478 22.80 9.00 -24.70
C LYS B 478 22.14 7.84 -25.45
N SER B 479 22.95 7.10 -26.22
CA SER B 479 22.42 6.05 -27.09
C SER B 479 21.89 4.88 -26.28
N MET B 480 21.16 3.99 -26.95
CA MET B 480 20.33 3.03 -26.23
C MET B 480 21.08 1.75 -25.84
N ALA B 481 21.80 1.13 -26.78
CA ALA B 481 22.67 0.02 -26.40
C ALA B 481 23.66 0.45 -25.33
N TYR B 482 24.11 1.71 -25.39
CA TYR B 482 25.01 2.23 -24.37
C TYR B 482 24.34 2.16 -23.00
N MET B 483 23.02 2.46 -22.95
CA MET B 483 22.30 2.41 -21.69
C MET B 483 22.08 0.98 -21.21
N ARG B 484 21.83 0.06 -22.13
CA ARG B 484 21.80 -1.36 -21.76
C ARG B 484 23.09 -1.73 -21.04
N GLY B 485 24.22 -1.36 -21.65
CA GLY B 485 25.51 -1.53 -20.99
C GLY B 485 25.57 -0.88 -19.62
N VAL B 486 25.05 0.35 -19.51
CA VAL B 486 25.14 1.08 -18.25
C VAL B 486 24.44 0.33 -17.13
N TYR B 487 23.21 -0.14 -17.38
CA TYR B 487 22.51 -0.89 -16.35
C TYR B 487 23.23 -2.19 -16.04
N PHE B 488 23.74 -2.87 -17.06
CA PHE B 488 24.46 -4.11 -16.79
C PHE B 488 25.70 -3.87 -15.95
N ARG B 489 26.34 -2.71 -16.11
CA ARG B 489 27.51 -2.37 -15.31
C ARG B 489 27.15 -1.87 -13.92
N MET B 490 25.94 -1.36 -13.75
CA MET B 490 25.50 -0.76 -12.50
C MET B 490 24.85 -1.75 -11.55
N LYS B 491 24.13 -2.75 -12.08
CA LYS B 491 23.47 -3.73 -11.22
C LYS B 491 24.44 -4.38 -10.25
N ASP B 492 25.70 -4.57 -10.65
CA ASP B 492 26.70 -5.17 -9.77
C ASP B 492 27.18 -4.20 -8.69
N GLU B 493 27.28 -2.90 -9.00
CA GLU B 493 27.73 -1.97 -7.99
C GLU B 493 26.63 -1.65 -6.97
N VAL B 494 25.39 -1.59 -7.41
CA VAL B 494 24.32 -1.02 -6.59
C VAL B 494 23.66 -2.04 -5.67
N PHE B 495 23.40 -3.26 -6.14
CA PHE B 495 22.58 -4.21 -5.40
C PHE B 495 23.40 -5.11 -4.47
N ARG B 496 24.57 -4.67 -4.03
CA ARG B 496 25.32 -5.34 -2.98
C ARG B 496 24.77 -4.88 -1.63
N GLY B 497 23.90 -5.70 -1.04
CA GLY B 497 23.27 -5.38 0.23
C GLY B 497 22.39 -6.52 0.64
N SER B 498 21.80 -6.41 1.84
CA SER B 498 21.01 -7.55 2.28
C SER B 498 19.61 -7.50 1.69
N ARG B 499 18.71 -6.72 2.28
CA ARG B 499 17.59 -6.11 1.55
C ARG B 499 17.95 -4.68 1.17
N PRO B 500 18.31 -3.82 2.13
CA PRO B 500 18.42 -2.39 1.85
C PRO B 500 19.83 -1.96 1.46
N TYR B 501 19.88 -0.95 0.60
CA TYR B 501 21.13 -0.45 0.05
C TYR B 501 21.30 1.01 0.44
N GLU B 502 22.50 1.38 0.85
CA GLU B 502 22.77 2.71 1.39
C GLU B 502 22.88 3.79 0.32
N SER B 503 22.77 3.44 -0.95
CA SER B 503 22.60 4.34 -2.10
C SER B 503 23.85 5.12 -2.47
N GLY B 504 24.95 4.98 -1.74
CA GLY B 504 26.22 5.47 -2.20
C GLY B 504 26.50 5.04 -3.63
N PRO B 505 26.36 3.74 -3.92
CA PRO B 505 26.58 3.29 -5.31
C PRO B 505 25.63 3.92 -6.31
N LEU B 506 24.32 3.86 -6.08
CA LEU B 506 23.37 4.40 -7.07
C LEU B 506 23.53 5.90 -7.22
N GLU B 507 23.48 6.63 -6.10
CA GLU B 507 23.59 8.08 -6.14
C GLU B 507 24.85 8.53 -6.86
N GLU B 508 26.00 7.98 -6.46
CA GLU B 508 27.26 8.45 -7.02
C GLU B 508 27.49 7.93 -8.42
N PHE B 509 26.95 6.76 -8.75
CA PHE B 509 26.99 6.26 -10.12
C PHE B 509 26.21 7.18 -11.05
N LEU B 510 25.08 7.71 -10.58
CA LEU B 510 24.38 8.72 -11.36
C LEU B 510 25.18 10.02 -11.42
N LYS B 511 25.79 10.43 -10.29
CA LYS B 511 26.66 11.59 -10.30
C LYS B 511 27.64 11.53 -11.46
N ARG B 512 28.33 10.38 -11.58
CA ARG B 512 29.31 10.21 -12.66
C ARG B 512 28.63 10.11 -14.02
N GLU B 513 27.51 9.37 -14.10
CA GLU B 513 26.93 9.02 -15.39
C GLU B 513 26.20 10.18 -16.04
N PHE B 514 25.67 11.12 -15.24
CA PHE B 514 24.94 12.28 -15.76
C PHE B 514 25.60 13.60 -15.44
N GLY B 515 26.57 13.64 -14.55
CA GLY B 515 27.29 14.86 -14.23
C GLY B 515 26.86 15.35 -12.86
N GLU B 516 27.84 15.61 -11.99
CA GLU B 516 27.49 16.04 -10.64
C GLU B 516 26.98 17.48 -10.62
N HIS B 517 27.37 18.29 -11.61
CA HIS B 517 26.98 19.69 -11.64
C HIS B 517 25.99 20.01 -12.77
N THR B 518 25.63 19.03 -13.59
CA THR B 518 24.65 19.23 -14.66
C THR B 518 23.25 19.36 -14.07
N LYS B 519 22.65 20.53 -14.23
CA LYS B 519 21.29 20.77 -13.74
C LYS B 519 20.25 20.38 -14.80
N MET B 520 18.99 20.31 -14.34
CA MET B 520 17.93 19.64 -15.07
C MET B 520 17.67 20.27 -16.44
N THR B 521 17.31 21.55 -16.45
CA THR B 521 16.72 22.18 -17.63
C THR B 521 17.75 22.63 -18.64
N ASP B 522 18.92 22.00 -18.65
CA ASP B 522 19.99 22.37 -19.56
C ASP B 522 19.77 21.88 -20.98
N VAL B 523 18.77 21.04 -21.24
CA VAL B 523 18.70 20.30 -22.51
C VAL B 523 17.39 20.59 -23.23
N LYS B 524 16.28 20.18 -22.61
CA LYS B 524 14.91 20.33 -23.11
C LYS B 524 14.72 19.96 -24.59
N LYS B 525 15.49 18.97 -25.11
CA LYS B 525 15.29 18.59 -26.50
C LYS B 525 13.91 17.97 -26.71
N PRO B 526 13.59 16.79 -26.11
CA PRO B 526 12.16 16.52 -25.85
C PRO B 526 11.83 16.92 -24.43
N LYS B 527 10.59 17.35 -24.17
CA LYS B 527 10.20 17.62 -22.80
C LYS B 527 10.18 16.31 -22.03
N VAL B 528 10.65 16.34 -20.79
CA VAL B 528 10.81 15.12 -19.99
C VAL B 528 10.19 15.33 -18.61
N MET B 529 9.76 14.22 -18.02
CA MET B 529 9.24 14.25 -16.67
C MET B 529 9.54 12.92 -15.96
N LEU B 530 10.15 13.04 -14.79
CA LEU B 530 10.42 11.93 -13.90
C LEU B 530 9.49 12.02 -12.71
N THR B 531 8.92 10.88 -12.32
CA THR B 531 8.04 10.83 -11.16
C THR B 531 8.84 10.86 -9.87
N GLY B 532 8.12 10.94 -8.76
CA GLY B 532 8.71 10.88 -7.45
C GLY B 532 7.71 11.17 -6.36
N THR B 533 7.74 10.39 -5.29
CA THR B 533 6.82 10.54 -4.17
C THR B 533 7.45 11.47 -3.13
N LEU B 534 6.93 12.69 -3.04
CA LEU B 534 7.39 13.63 -2.03
C LEU B 534 6.84 13.15 -0.69
N SER B 535 7.68 12.43 0.07
CA SER B 535 7.27 11.85 1.35
C SER B 535 7.50 12.82 2.51
N ASP B 536 7.69 14.10 2.18
CA ASP B 536 7.94 15.14 3.15
C ASP B 536 6.69 15.46 3.98
N ARG B 537 5.52 15.02 3.52
CA ARG B 537 4.23 15.41 4.07
C ARG B 537 3.34 14.19 4.27
N GLN B 538 2.64 14.14 5.40
CA GLN B 538 1.63 13.10 5.61
C GLN B 538 0.67 12.96 4.44
N PRO B 539 0.25 14.04 3.75
CA PRO B 539 -0.45 13.84 2.47
C PRO B 539 0.29 12.97 1.48
N ALA B 540 1.62 13.09 1.39
CA ALA B 540 2.43 12.32 0.45
C ALA B 540 2.00 12.57 -1.00
N GLU B 541 2.24 13.80 -1.44
CA GLU B 541 1.91 14.25 -2.78
C GLU B 541 2.92 13.71 -3.80
N LEU B 542 2.69 14.04 -5.07
CA LEU B 542 3.58 13.68 -6.16
C LEU B 542 4.26 14.93 -6.71
N HIS B 543 5.56 14.81 -6.98
CA HIS B 543 6.32 15.86 -7.63
C HIS B 543 6.75 15.34 -9.00
N LEU B 544 6.44 16.13 -10.04
CA LEU B 544 6.91 15.82 -11.37
C LEU B 544 8.22 16.55 -11.60
N PHE B 545 9.29 15.80 -11.84
CA PHE B 545 10.57 16.41 -12.17
C PHE B 545 10.53 16.79 -13.64
N ARG B 546 10.44 18.09 -13.91
CA ARG B 546 10.14 18.57 -15.24
C ARG B 546 11.18 19.59 -15.67
N ASN B 547 11.33 19.71 -16.98
CA ASN B 547 12.41 20.50 -17.56
C ASN B 547 11.93 21.42 -18.65
N TYR B 548 10.62 21.71 -18.73
CA TYR B 548 10.22 22.75 -19.66
C TYR B 548 10.04 24.10 -18.99
N ASP B 549 8.95 24.34 -18.26
CA ASP B 549 9.03 25.27 -17.14
C ASP B 549 8.28 24.74 -15.92
N ALA B 550 6.95 24.74 -16.01
CA ALA B 550 5.97 24.27 -15.03
C ALA B 550 4.57 24.55 -15.57
N PRO B 551 3.55 23.75 -15.27
CA PRO B 551 2.18 24.23 -15.53
C PRO B 551 1.60 24.94 -14.33
N GLU B 552 1.27 26.23 -14.49
CA GLU B 552 0.73 27.05 -13.41
C GLU B 552 -0.77 27.16 -13.60
N VAL B 553 -1.53 26.19 -13.01
CA VAL B 553 -2.96 26.12 -13.25
C VAL B 553 -3.55 25.15 -12.24
N ILE B 554 -4.84 25.29 -11.94
CA ILE B 554 -5.59 26.49 -12.31
C ILE B 554 -5.66 27.52 -11.20
N ARG B 555 -6.59 27.37 -10.25
CA ARG B 555 -6.60 28.21 -9.05
C ARG B 555 -7.21 27.43 -7.88
N GLU B 556 -6.83 26.15 -7.73
CA GLU B 556 -7.39 25.31 -6.68
C GLU B 556 -6.31 24.68 -5.82
N PRO B 557 -5.71 25.45 -4.90
CA PRO B 557 -4.80 24.86 -3.91
C PRO B 557 -5.57 24.16 -2.81
N ARG B 558 -5.62 22.83 -2.88
CA ARG B 558 -6.57 22.08 -2.06
C ARG B 558 -6.10 21.84 -0.64
N PHE B 559 -4.80 21.92 -0.37
CA PHE B 559 -4.28 21.71 0.98
C PHE B 559 -3.68 22.95 1.61
N ASN B 560 -3.18 23.89 0.81
CA ASN B 560 -2.66 25.15 1.29
C ASN B 560 -3.74 26.24 1.21
N GLN B 561 -3.35 27.48 1.50
CA GLN B 561 -4.18 28.69 1.46
C GLN B 561 -5.19 28.70 2.61
N ASN B 562 -5.27 27.60 3.35
CA ASN B 562 -5.85 27.54 4.68
C ASN B 562 -4.75 27.20 5.68
N ILE B 563 -4.98 27.57 6.95
CA ILE B 563 -3.96 27.42 7.99
C ILE B 563 -3.53 25.96 8.16
N ASN B 564 -2.33 25.78 8.74
CA ASN B 564 -1.78 24.46 9.05
C ASN B 564 -1.63 23.59 7.79
N LEU B 565 -0.61 23.89 6.97
CA LEU B 565 0.70 24.47 7.34
C LEU B 565 1.43 24.94 6.07
N LYS B 566 2.33 25.92 6.19
CA LYS B 566 3.09 26.40 5.03
C LYS B 566 4.61 26.41 5.21
N PRO B 567 5.22 25.31 5.69
CA PRO B 567 6.63 25.05 5.32
C PRO B 567 6.78 24.08 4.16
N PRO B 568 6.38 24.44 2.92
CA PRO B 568 6.62 23.56 1.78
C PRO B 568 7.90 23.95 1.08
N THR B 569 8.40 23.06 0.20
CA THR B 569 9.66 23.35 -0.47
C THR B 569 9.57 23.41 -2.00
N GLN B 570 9.38 22.27 -2.68
CA GLN B 570 9.40 22.11 -4.14
C GLN B 570 10.57 22.78 -4.85
N PRO B 571 11.78 22.21 -4.86
CA PRO B 571 12.93 22.89 -5.50
C PRO B 571 12.77 22.87 -7.01
N ALA B 572 12.80 24.06 -7.63
CA ALA B 572 12.19 24.24 -8.95
C ALA B 572 12.64 23.26 -10.04
N ASP B 573 13.87 23.38 -10.56
CA ASP B 573 14.30 22.48 -11.62
C ASP B 573 15.83 22.54 -11.71
N GLN B 574 16.50 21.58 -11.07
CA GLN B 574 17.95 21.58 -11.01
C GLN B 574 18.44 20.15 -10.76
N LEU B 575 19.76 19.97 -10.90
CA LEU B 575 20.48 18.84 -10.32
C LEU B 575 19.99 17.49 -10.86
N VAL B 576 20.34 17.24 -12.12
CA VAL B 576 19.91 16.04 -12.84
C VAL B 576 20.07 14.79 -11.99
N TRP B 577 21.29 14.53 -11.52
CA TRP B 577 21.55 13.29 -10.79
C TRP B 577 20.68 13.17 -9.55
N ARG B 578 20.44 14.31 -8.87
CA ARG B 578 19.63 14.28 -7.66
C ARG B 578 18.21 13.86 -7.98
N ALA B 579 17.64 14.37 -9.07
CA ALA B 579 16.32 13.97 -9.49
C ALA B 579 16.30 12.52 -9.96
N ALA B 580 17.36 12.08 -10.64
CA ALA B 580 17.43 10.70 -11.09
C ALA B 580 17.38 9.74 -9.91
N ARG B 581 18.08 10.06 -8.82
CA ARG B 581 17.97 9.21 -7.63
C ARG B 581 16.60 9.34 -6.99
N SER B 582 16.11 10.58 -6.81
CA SER B 582 14.82 10.78 -6.17
C SER B 582 13.71 10.06 -6.91
N SER B 583 13.90 9.76 -8.19
CA SER B 583 12.95 8.97 -8.96
C SER B 583 13.24 7.46 -8.89
N GLY B 584 14.45 7.05 -9.27
CA GLY B 584 14.76 5.69 -9.68
C GLY B 584 14.90 4.61 -8.63
N ALA B 585 14.75 4.92 -7.35
CA ALA B 585 14.93 3.93 -6.29
C ALA B 585 13.57 3.38 -5.88
N ALA B 586 13.23 2.18 -6.34
CA ALA B 586 12.03 1.54 -5.79
C ALA B 586 12.31 1.27 -4.32
N PRO B 587 11.72 2.03 -3.38
CA PRO B 587 12.26 2.10 -2.02
C PRO B 587 11.82 0.97 -1.11
N THR B 588 10.84 0.17 -1.52
CA THR B 588 10.62 -1.11 -0.89
C THR B 588 11.91 -1.91 -0.83
N TYR B 589 12.87 -1.57 -1.69
CA TYR B 589 14.18 -2.19 -1.70
C TYR B 589 15.27 -1.29 -1.10
N PHE B 590 15.32 -0.01 -1.48
CA PHE B 590 16.55 0.70 -1.16
C PHE B 590 16.65 1.13 0.30
N ARG B 591 15.95 2.20 0.68
CA ARG B 591 16.05 2.81 2.01
C ARG B 591 15.20 4.06 2.10
N PRO B 592 15.07 4.67 3.28
CA PRO B 592 14.82 6.12 3.31
C PRO B 592 15.88 6.84 2.48
N ASN B 593 15.43 7.75 1.62
CA ASN B 593 16.28 8.32 0.57
C ASN B 593 16.09 9.84 0.46
N GLY B 594 16.15 10.53 1.59
CA GLY B 594 16.02 11.99 1.58
C GLY B 594 14.57 12.40 1.78
N ARG B 595 14.12 13.34 0.95
CA ARG B 595 12.72 13.78 1.01
C ARG B 595 11.80 12.89 0.19
N PHE B 596 12.31 12.23 -0.84
CA PHE B 596 11.51 11.53 -1.82
C PHE B 596 11.75 10.03 -1.81
N LEU B 597 10.71 9.29 -2.15
CA LEU B 597 10.78 7.87 -2.46
C LEU B 597 10.35 7.67 -3.90
N ASP B 598 10.44 6.43 -4.39
CA ASP B 598 10.05 6.12 -5.77
C ASP B 598 8.70 6.72 -6.12
N GLY B 599 8.55 7.14 -7.37
CA GLY B 599 7.25 7.46 -7.90
C GLY B 599 6.47 6.19 -8.17
N GLY B 600 6.97 5.08 -7.64
CA GLY B 600 6.30 3.80 -7.72
C GLY B 600 5.37 3.61 -6.55
N LEU B 601 5.60 4.39 -5.49
CA LEU B 601 4.66 4.40 -4.39
C LEU B 601 3.29 4.93 -4.81
N LEU B 602 3.25 5.96 -5.64
CA LEU B 602 1.99 6.39 -6.23
C LEU B 602 1.85 6.00 -7.70
N ALA B 603 2.77 6.39 -8.57
CA ALA B 603 2.49 6.24 -10.00
C ALA B 603 3.03 4.95 -10.60
N ASN B 604 4.35 4.80 -10.64
CA ASN B 604 5.03 3.61 -11.15
C ASN B 604 4.68 3.30 -12.60
N ASN B 605 3.88 4.15 -13.23
CA ASN B 605 3.50 3.92 -14.60
C ASN B 605 2.96 5.24 -15.13
N PRO B 606 3.84 6.16 -15.51
CA PRO B 606 3.39 7.55 -15.74
C PRO B 606 2.37 7.65 -16.85
N THR B 607 2.20 6.58 -17.62
CA THR B 607 1.32 6.57 -18.79
C THR B 607 0.06 7.37 -18.56
N LEU B 608 -0.67 6.98 -17.52
CA LEU B 608 -1.90 7.66 -17.16
C LEU B 608 -1.61 9.07 -16.64
N ASP B 609 -0.58 9.21 -15.81
CA ASP B 609 -0.32 10.50 -15.17
C ASP B 609 0.31 11.52 -16.12
N ALA B 610 1.11 11.05 -17.08
CA ALA B 610 1.80 11.98 -17.98
C ALA B 610 0.82 12.70 -18.89
N MET B 611 -0.28 12.03 -19.26
CA MET B 611 -1.31 12.68 -20.07
C MET B 611 -1.99 13.78 -19.28
N THR B 612 -2.25 13.53 -18.00
CA THR B 612 -2.72 14.57 -17.11
C THR B 612 -1.81 15.79 -17.20
N GLU B 613 -0.50 15.56 -17.18
CA GLU B 613 0.44 16.69 -17.22
C GLU B 613 0.43 17.38 -18.57
N ILE B 614 0.35 16.60 -19.66
CA ILE B 614 0.17 17.18 -21.00
C ILE B 614 -0.96 18.19 -21.00
N HIS B 615 -2.15 17.74 -20.62
CA HIS B 615 -3.32 18.61 -20.76
C HIS B 615 -3.22 19.79 -19.81
N GLU B 616 -2.69 19.58 -18.61
CA GLU B 616 -2.51 20.68 -17.66
C GLU B 616 -1.61 21.76 -18.25
N TYR B 617 -0.47 21.36 -18.81
CA TYR B 617 0.46 22.33 -19.39
C TYR B 617 -0.13 22.99 -20.63
N ASN B 618 -0.94 22.26 -21.40
CA ASN B 618 -1.58 22.86 -22.56
C ASN B 618 -2.60 23.91 -22.15
N GLN B 619 -3.34 23.68 -21.07
CA GLN B 619 -4.26 24.69 -20.59
C GLN B 619 -3.53 25.86 -19.96
N ASP B 620 -2.36 25.61 -19.36
CA ASP B 620 -1.51 26.71 -18.92
C ASP B 620 -1.08 27.57 -20.11
N MET B 621 -0.64 26.92 -21.19
CA MET B 621 -0.27 27.62 -22.42
C MET B 621 -1.42 28.44 -22.97
N ILE B 622 -2.57 27.78 -23.18
CA ILE B 622 -3.71 28.44 -23.81
C ILE B 622 -4.20 29.59 -22.96
N ARG B 623 -4.40 29.33 -21.66
CA ARG B 623 -4.82 30.37 -20.73
C ARG B 623 -3.90 31.58 -20.80
N LYS B 624 -2.60 31.35 -20.99
CA LYS B 624 -1.63 32.42 -21.20
C LYS B 624 -1.76 33.07 -22.55
N GLY B 625 -2.72 32.64 -23.37
CA GLY B 625 -2.88 33.20 -24.69
C GLY B 625 -1.79 32.80 -25.66
N GLN B 626 -0.95 31.84 -25.32
CA GLN B 626 0.08 31.38 -26.25
C GLN B 626 -0.58 30.78 -27.49
N GLY B 627 -1.42 29.79 -27.28
CA GLY B 627 -2.30 29.29 -28.32
C GLY B 627 -1.72 28.47 -29.44
N ASN B 628 -0.42 28.55 -29.67
CA ASN B 628 0.20 27.56 -30.56
C ASN B 628 0.88 26.48 -29.72
N LYS B 629 0.04 25.90 -28.88
CA LYS B 629 0.33 24.64 -28.22
C LYS B 629 0.45 23.52 -29.25
N VAL B 630 1.43 22.64 -29.05
CA VAL B 630 1.46 21.45 -29.87
C VAL B 630 0.18 20.67 -29.57
N LYS B 631 -0.65 20.47 -30.59
CA LYS B 631 -1.93 19.80 -30.43
C LYS B 631 -1.78 18.29 -30.23
N LYS B 632 -2.89 17.57 -30.43
CA LYS B 632 -3.22 16.28 -29.85
C LYS B 632 -2.04 15.37 -29.62
N LEU B 633 -1.95 14.79 -28.42
CA LEU B 633 -1.06 13.66 -28.34
C LEU B 633 -1.57 12.69 -29.41
N SER B 634 -0.84 12.57 -30.51
CA SER B 634 -1.32 11.72 -31.58
C SER B 634 -0.98 10.28 -31.28
N ILE B 635 0.10 10.06 -30.54
CA ILE B 635 0.60 8.74 -30.19
C ILE B 635 0.99 8.75 -28.72
N VAL B 636 0.59 7.72 -27.98
CA VAL B 636 1.14 7.46 -26.65
C VAL B 636 1.66 6.03 -26.64
N VAL B 637 2.93 5.88 -26.29
CA VAL B 637 3.61 4.58 -26.29
C VAL B 637 4.13 4.32 -24.89
N SER B 638 3.68 3.24 -24.27
CA SER B 638 4.06 2.92 -22.90
C SER B 638 4.77 1.58 -22.88
N LEU B 639 5.99 1.55 -22.37
CA LEU B 639 6.81 0.36 -22.36
C LEU B 639 7.00 -0.11 -20.93
N GLY B 640 6.67 -1.37 -20.68
CA GLY B 640 6.70 -1.94 -19.33
C GLY B 640 7.80 -2.98 -19.23
N THR B 641 8.41 -3.07 -18.05
CA THR B 641 9.58 -3.93 -17.91
C THR B 641 9.16 -5.37 -17.74
N GLY B 642 8.29 -5.85 -18.61
CA GLY B 642 7.86 -7.23 -18.61
C GLY B 642 6.81 -7.53 -17.55
N ARG B 643 6.11 -8.64 -17.76
CA ARG B 643 5.14 -9.17 -16.79
C ARG B 643 5.60 -10.55 -16.35
N SER B 644 5.62 -10.79 -15.05
CA SER B 644 5.80 -12.15 -14.56
C SER B 644 4.59 -13.00 -14.99
N PRO B 645 4.69 -14.32 -14.92
CA PRO B 645 3.54 -15.16 -15.28
C PRO B 645 2.56 -15.38 -14.13
N GLN B 646 1.34 -15.72 -14.54
CA GLN B 646 0.14 -15.67 -13.71
C GLN B 646 0.07 -16.89 -12.80
N VAL B 647 0.36 -16.67 -11.52
CA VAL B 647 0.41 -17.73 -10.50
C VAL B 647 -0.87 -17.68 -9.73
N PRO B 648 -1.55 -18.80 -9.47
CA PRO B 648 -2.69 -18.78 -8.55
C PRO B 648 -2.21 -18.53 -7.14
N VAL B 649 -3.08 -17.98 -6.32
CA VAL B 649 -2.83 -17.82 -4.90
C VAL B 649 -4.11 -18.25 -4.22
N THR B 650 -4.07 -19.42 -3.60
CA THR B 650 -5.22 -20.02 -2.94
C THR B 650 -5.20 -19.78 -1.45
N CYS B 651 -4.73 -18.59 -1.06
CA CYS B 651 -4.50 -18.24 0.33
C CYS B 651 -5.32 -17.01 0.71
N LYS B 671 5.52 -13.19 4.80
CA LYS B 671 4.44 -12.26 4.50
C LYS B 671 4.02 -12.33 3.03
N GLU B 672 2.92 -13.05 2.75
CA GLU B 672 2.30 -13.01 1.44
C GLU B 672 0.86 -12.51 1.50
N LEU B 673 0.38 -12.14 2.67
CA LEU B 673 -0.92 -11.50 2.82
C LEU B 673 -0.80 -10.05 3.26
N GLY B 674 0.40 -9.60 3.62
CA GLY B 674 0.64 -8.22 3.98
C GLY B 674 1.48 -7.45 2.97
N LYS B 675 2.15 -8.17 2.08
CA LYS B 675 2.95 -7.54 1.04
C LYS B 675 2.20 -7.34 -0.27
N MET B 676 1.04 -7.99 -0.43
CA MET B 676 0.25 -7.78 -1.64
C MET B 676 -0.24 -6.34 -1.75
N VAL B 677 -0.27 -5.59 -0.64
CA VAL B 677 -0.54 -4.16 -0.72
C VAL B 677 0.45 -3.49 -1.66
N VAL B 678 1.73 -3.87 -1.57
CA VAL B 678 2.75 -3.21 -2.38
C VAL B 678 2.72 -3.71 -3.81
N ASP B 679 2.48 -5.02 -3.97
CA ASP B 679 2.25 -5.58 -5.31
C ASP B 679 1.19 -4.77 -6.05
N CYS B 680 0.05 -4.51 -5.39
CA CYS B 680 -1.01 -3.73 -6.02
C CYS B 680 -0.58 -2.28 -6.20
N CYS B 681 0.05 -1.70 -5.17
CA CYS B 681 0.41 -0.29 -5.18
C CYS B 681 1.35 0.05 -6.33
N THR B 682 2.19 -0.90 -6.76
CA THR B 682 3.13 -0.65 -7.83
C THR B 682 2.87 -1.48 -9.08
N ASP B 683 1.80 -2.26 -9.14
CA ASP B 683 1.42 -3.03 -10.32
C ASP B 683 1.05 -2.08 -11.46
N PRO B 684 1.82 -2.04 -12.55
CA PRO B 684 1.48 -1.15 -13.66
C PRO B 684 0.70 -1.82 -14.79
N ASP B 685 0.59 -3.14 -14.77
CA ASP B 685 0.04 -3.89 -15.90
C ASP B 685 -1.36 -4.42 -15.64
N GLY B 686 -2.04 -3.89 -14.63
CA GLY B 686 -3.40 -4.27 -14.34
C GLY B 686 -4.37 -3.30 -14.99
N ARG B 687 -4.99 -2.45 -14.18
CA ARG B 687 -5.96 -1.50 -14.70
C ARG B 687 -5.32 -0.26 -15.31
N ALA B 688 -4.13 0.13 -14.85
CA ALA B 688 -3.52 1.35 -15.36
C ALA B 688 -3.20 1.22 -16.85
N VAL B 689 -3.45 0.04 -17.41
CA VAL B 689 -3.51 -0.10 -18.86
C VAL B 689 -4.90 0.26 -19.36
N ASP B 690 -5.93 -0.40 -18.82
CA ASP B 690 -7.28 -0.26 -19.35
C ASP B 690 -7.77 1.18 -19.26
N ARG B 691 -7.49 1.83 -18.13
CA ARG B 691 -7.87 3.23 -17.96
C ARG B 691 -7.28 4.09 -19.06
N ALA B 692 -5.95 4.12 -19.13
CA ALA B 692 -5.26 4.91 -20.14
C ALA B 692 -5.73 4.59 -21.55
N ARG B 693 -5.94 3.30 -21.84
CA ARG B 693 -6.29 2.90 -23.20
C ARG B 693 -7.68 3.36 -23.57
N ALA B 694 -8.66 3.10 -22.69
CA ALA B 694 -10.02 3.54 -22.99
C ALA B 694 -10.11 5.05 -23.05
N TRP B 695 -9.23 5.75 -22.32
CA TRP B 695 -9.25 7.21 -22.35
C TRP B 695 -8.56 7.73 -23.61
N SER B 696 -7.53 7.04 -24.07
CA SER B 696 -6.91 7.37 -25.35
C SER B 696 -7.90 7.14 -26.49
N GLU B 697 -8.73 6.11 -26.37
CA GLU B 697 -9.80 5.90 -27.33
C GLU B 697 -10.87 6.99 -27.20
N MET B 698 -11.03 7.55 -25.99
CA MET B 698 -11.91 8.71 -25.86
C MET B 698 -11.38 9.90 -26.63
N VAL B 699 -10.07 10.13 -26.59
CA VAL B 699 -9.52 11.36 -27.16
C VAL B 699 -9.04 11.20 -28.62
N GLY B 700 -8.55 10.01 -29.00
CA GLY B 700 -8.14 9.79 -30.38
C GLY B 700 -6.67 9.46 -30.54
N ILE B 701 -6.13 8.73 -29.56
CA ILE B 701 -4.71 8.77 -29.23
C ILE B 701 -3.94 7.57 -29.78
N GLN B 702 -4.62 6.43 -29.95
CA GLN B 702 -3.95 5.15 -30.24
C GLN B 702 -2.90 4.82 -29.19
N TYR B 703 -3.40 4.57 -27.99
CA TYR B 703 -2.61 3.93 -26.95
C TYR B 703 -1.89 2.69 -27.48
N PHE B 704 -0.58 2.62 -27.23
CA PHE B 704 0.25 1.50 -27.68
C PHE B 704 1.03 1.01 -26.46
N ARG B 705 0.53 -0.05 -25.82
CA ARG B 705 1.19 -0.64 -24.66
C ARG B 705 2.05 -1.81 -25.10
N LEU B 706 3.32 -1.77 -24.75
CA LEU B 706 4.30 -2.76 -25.18
C LEU B 706 5.04 -3.28 -23.97
N ASN B 707 4.97 -4.60 -23.76
CA ASN B 707 5.81 -5.32 -22.82
C ASN B 707 5.57 -6.81 -22.96
N PRO B 708 6.57 -7.63 -22.72
CA PRO B 708 6.45 -9.07 -23.03
C PRO B 708 6.07 -9.92 -21.84
N GLN B 709 5.28 -10.96 -22.06
CA GLN B 709 5.10 -11.99 -21.03
C GLN B 709 6.42 -12.74 -20.89
N LEU B 710 7.16 -12.42 -19.83
CA LEU B 710 8.30 -13.25 -19.48
C LEU B 710 7.79 -14.60 -18.98
N GLY B 711 8.73 -15.49 -18.72
CA GLY B 711 8.36 -16.80 -18.22
C GLY B 711 8.86 -17.07 -16.81
N SER B 712 8.99 -16.01 -16.02
CA SER B 712 9.68 -16.14 -14.74
C SER B 712 9.39 -14.92 -13.89
N ASP B 713 9.52 -15.11 -12.58
CA ASP B 713 9.28 -14.03 -11.62
C ASP B 713 10.57 -13.22 -11.40
N ILE B 714 11.09 -12.66 -12.50
CA ILE B 714 12.29 -11.85 -12.40
C ILE B 714 12.02 -10.72 -11.42
N MET B 715 12.75 -10.72 -10.30
CA MET B 715 12.43 -9.69 -9.33
C MET B 715 13.28 -8.46 -9.61
N LEU B 716 13.03 -7.42 -8.82
CA LEU B 716 13.57 -6.09 -9.11
C LEU B 716 15.09 -6.10 -9.10
N ASP B 717 15.68 -6.46 -7.96
CA ASP B 717 17.13 -6.38 -7.81
C ASP B 717 17.81 -7.69 -8.18
N GLU B 718 17.55 -8.17 -9.40
CA GLU B 718 18.13 -9.41 -9.88
C GLU B 718 19.46 -9.10 -10.55
N VAL B 719 20.53 -9.77 -10.12
CA VAL B 719 21.87 -9.46 -10.60
C VAL B 719 22.57 -10.64 -11.25
N ASN B 720 21.95 -11.82 -11.26
CA ASN B 720 22.48 -12.93 -12.06
C ASN B 720 22.13 -12.63 -13.51
N ASP B 721 23.08 -12.06 -14.26
CA ASP B 721 22.77 -11.66 -15.62
C ASP B 721 22.54 -12.84 -16.56
N ALA B 722 22.69 -14.08 -16.10
CA ALA B 722 22.23 -15.20 -16.92
C ALA B 722 20.73 -15.14 -17.10
N VAL B 723 19.99 -14.94 -16.00
CA VAL B 723 18.54 -14.84 -16.11
C VAL B 723 18.15 -13.51 -16.77
N LEU B 724 18.91 -12.45 -16.54
CA LEU B 724 18.65 -11.18 -17.22
C LEU B 724 18.78 -11.32 -18.74
N VAL B 725 19.80 -12.05 -19.20
CA VAL B 725 19.97 -12.27 -20.63
C VAL B 725 18.87 -13.17 -21.17
N ASN B 726 18.50 -14.21 -20.40
CA ASN B 726 17.36 -15.02 -20.79
C ASN B 726 16.11 -14.14 -20.95
N ALA B 727 15.96 -13.15 -20.07
CA ALA B 727 14.81 -12.25 -20.15
C ALA B 727 14.89 -11.36 -21.38
N LEU B 728 16.10 -10.89 -21.73
CA LEU B 728 16.24 -10.12 -22.97
C LEU B 728 15.86 -10.96 -24.18
N TRP B 729 16.21 -12.25 -24.16
CA TRP B 729 15.77 -13.14 -25.23
C TRP B 729 14.25 -13.27 -25.25
N GLU B 730 13.65 -13.39 -24.07
CA GLU B 730 12.20 -13.40 -23.95
C GLU B 730 11.59 -12.18 -24.64
N THR B 731 12.17 -11.00 -24.36
CA THR B 731 11.68 -9.76 -24.97
C THR B 731 11.79 -9.79 -26.48
N GLU B 732 12.94 -10.26 -27.00
CA GLU B 732 13.09 -10.27 -28.44
C GLU B 732 12.16 -11.29 -29.09
N VAL B 733 11.86 -12.39 -28.41
CA VAL B 733 10.87 -13.33 -28.94
C VAL B 733 9.49 -12.68 -28.98
N TYR B 734 9.17 -11.86 -27.97
CA TYR B 734 7.93 -11.10 -28.02
C TYR B 734 7.88 -10.16 -29.23
N ILE B 735 8.98 -9.44 -29.47
CA ILE B 735 9.04 -8.53 -30.60
C ILE B 735 8.88 -9.28 -31.90
N TYR B 736 9.55 -10.43 -32.02
CA TYR B 736 9.35 -11.32 -33.15
C TYR B 736 7.87 -11.69 -33.31
N GLU B 737 7.27 -12.25 -32.24
CA GLU B 737 5.91 -12.75 -32.35
C GLU B 737 4.96 -11.66 -32.80
N HIS B 738 5.16 -10.43 -32.32
CA HIS B 738 4.26 -9.37 -32.78
C HIS B 738 4.74 -8.83 -34.13
N ARG B 739 5.83 -8.07 -34.13
CA ARG B 739 6.57 -7.70 -35.34
C ARG B 739 5.71 -7.00 -36.39
N GLU B 740 4.38 -7.03 -36.19
CA GLU B 740 3.40 -6.37 -37.02
C GLU B 740 3.00 -5.06 -36.36
N GLU B 741 2.68 -5.14 -35.07
CA GLU B 741 2.42 -3.94 -34.28
C GLU B 741 3.58 -2.98 -34.41
N PHE B 742 4.81 -3.48 -34.41
CA PHE B 742 5.96 -2.60 -34.53
C PHE B 742 5.99 -1.89 -35.87
N GLN B 743 5.70 -2.60 -36.96
CA GLN B 743 5.64 -1.94 -38.26
C GLN B 743 4.56 -0.87 -38.26
N LYS B 744 3.41 -1.16 -37.64
CA LYS B 744 2.31 -0.19 -37.62
C LYS B 744 2.65 1.02 -36.74
N LEU B 745 3.38 0.79 -35.64
CA LEU B 745 3.79 1.89 -34.76
C LEU B 745 4.81 2.80 -35.43
N VAL B 746 5.84 2.21 -36.06
CA VAL B 746 6.80 3.02 -36.80
C VAL B 746 6.10 3.79 -37.92
N GLN B 747 5.21 3.11 -38.65
CA GLN B 747 4.33 3.73 -39.62
C GLN B 747 3.66 4.98 -39.06
N MET B 748 3.01 4.86 -37.91
CA MET B 748 2.38 6.04 -37.31
C MET B 748 3.40 7.10 -36.94
N LEU B 749 4.54 6.68 -36.38
CA LEU B 749 5.51 7.59 -35.81
C LEU B 749 6.23 8.43 -36.86
N LEU B 750 6.23 8.03 -38.12
CA LEU B 750 6.95 8.79 -39.13
C LEU B 750 6.04 9.43 -40.17
N SER B 751 4.73 9.42 -39.97
CA SER B 751 3.79 9.88 -40.97
C SER B 751 3.75 11.40 -41.03
N PRO B 752 3.09 11.99 -42.04
CA PRO B 752 2.81 13.43 -42.06
C PRO B 752 1.72 13.84 -41.07
#